data_8JUS
#
_entry.id   8JUS
#
_cell.length_a   74.990
_cell.length_b   108.220
_cell.length_c   160.400
_cell.angle_alpha   90.000
_cell.angle_beta   90.000
_cell.angle_gamma   90.000
#
_symmetry.space_group_name_H-M   'C 2 2 21'
#
loop_
_entity.id
_entity.type
_entity.pdbx_description
1 polymer 'Aspartate-semialdehyde dehydrogenase'
2 non-polymer "ADENOSINE-2'-5'-DIPHOSPHATE"
3 water water
#
_entity_poly.entity_id   1
_entity_poly.type   'polypeptide(L)'
_entity_poly.pdbx_seq_one_letter_code
;MKIAIVGVSGAVGQEFLRVLSQRDFPIDGLYLFGSSRSAGSVYSFKGKEYVVRELKDNDDFKGIDIAFCSAGGDTSIAFA
DTITRHGTLMIDNSSAFRMQEDVPLVVPEVNGDDALVHPRNIISNPNCTTIQMVVALKPIEDLSHIRRVHVATYQAASGA
GALGMAELVQQVEELARGEKPTVDKFAYQLMYNLIPQIDVFTDNDYTKEEMKMYRETKRIMHSDVMVSATCVRVPVMRAH
SEAIWVETERPIAPEEARAAFAKAPGVLLCDEPSEKQYPMPLFGTEQDPVIVGRIRQDLANPNGLVFWCVSDQIRKGAAL
NAVQIAEYLIAKGHFAR
;
_entity_poly.pdbx_strand_id   A,B
#
loop_
_chem_comp.id
_chem_comp.type
_chem_comp.name
_chem_comp.formula
A2P non-polymer ADENOSINE-2'-5'-DIPHOSPHATE 'C10 H15 N5 O10 P2'
#
# COMPACT_ATOMS: atom_id res chain seq x y z
N MET A 1 33.06 -9.90 26.31
CA MET A 1 32.23 -8.73 26.00
C MET A 1 31.11 -8.51 27.01
N LYS A 2 31.13 -7.36 27.68
CA LYS A 2 30.07 -6.96 28.59
C LYS A 2 29.09 -6.08 27.85
N ILE A 3 27.80 -6.43 27.90
CA ILE A 3 26.77 -5.82 27.07
C ILE A 3 25.67 -5.24 27.96
N ALA A 4 25.18 -4.05 27.61
CA ALA A 4 24.02 -3.46 28.25
C ALA A 4 22.86 -3.43 27.27
N ILE A 5 21.64 -3.61 27.77
CA ILE A 5 20.43 -3.26 27.04
C ILE A 5 19.74 -2.15 27.81
N VAL A 6 19.51 -1.01 27.16
CA VAL A 6 18.90 0.15 27.79
C VAL A 6 17.49 0.27 27.22
N GLY A 7 16.48 0.07 28.06
CA GLY A 7 15.12 0.02 27.56
C GLY A 7 14.72 -1.40 27.24
N VAL A 8 14.80 -2.28 28.25
CA VAL A 8 14.60 -3.71 27.99
C VAL A 8 13.13 -4.13 27.96
N SER A 9 12.22 -3.37 28.59
CA SER A 9 10.85 -3.85 28.77
C SER A 9 10.05 -3.87 27.49
N GLY A 10 10.39 -3.01 26.52
CA GLY A 10 9.59 -2.86 25.32
C GLY A 10 9.87 -3.90 24.25
N ALA A 11 9.10 -3.80 23.16
CA ALA A 11 9.25 -4.79 22.09
C ALA A 11 10.68 -4.87 21.59
N VAL A 12 11.33 -3.71 21.39
CA VAL A 12 12.68 -3.74 20.83
C VAL A 12 13.66 -4.30 21.83
N GLY A 13 13.55 -3.90 23.10
CA GLY A 13 14.46 -4.43 24.11
C GLY A 13 14.30 -5.93 24.28
N GLN A 14 13.07 -6.43 24.22
CA GLN A 14 12.86 -7.87 24.28
C GLN A 14 13.47 -8.55 23.06
N GLU A 15 13.45 -7.90 21.90
CA GLU A 15 14.02 -8.51 20.70
C GLU A 15 15.53 -8.54 20.78
N PHE A 16 16.15 -7.54 21.41
CA PHE A 16 17.59 -7.63 21.65
C PHE A 16 17.93 -8.90 22.39
N LEU A 17 17.19 -9.17 23.47
CA LEU A 17 17.46 -10.39 24.25
C LEU A 17 17.34 -11.61 23.33
N ARG A 18 16.31 -11.64 22.50
CA ARG A 18 16.09 -12.82 21.64
C ARG A 18 17.23 -12.94 20.61
N VAL A 19 17.51 -11.88 19.91
CA VAL A 19 18.56 -11.91 18.84
C VAL A 19 19.92 -12.25 19.45
N LEU A 20 20.26 -11.61 20.56
CA LEU A 20 21.57 -11.85 21.14
C LEU A 20 21.76 -13.32 21.50
N SER A 21 20.67 -13.94 21.91
CA SER A 21 20.72 -15.38 22.27
C SER A 21 20.79 -16.25 21.01
N GLN A 22 19.86 -16.01 20.08
CA GLN A 22 19.72 -16.75 18.79
C GLN A 22 21.03 -16.74 17.99
N ARG A 23 21.75 -15.62 17.99
CA ARG A 23 23.00 -15.50 17.22
C ARG A 23 24.26 -15.84 18.01
N ASP A 24 24.13 -16.29 19.26
CA ASP A 24 25.29 -16.65 20.06
C ASP A 24 26.31 -15.52 20.10
N PHE A 25 25.80 -14.31 20.26
CA PHE A 25 26.67 -13.17 20.49
C PHE A 25 27.55 -13.45 21.70
N PRO A 26 28.85 -13.13 21.64
CA PRO A 26 29.77 -13.50 22.73
C PRO A 26 29.64 -12.57 23.91
N ILE A 27 29.06 -13.08 24.99
CA ILE A 27 28.70 -12.26 26.15
C ILE A 27 29.33 -12.87 27.40
N ASP A 28 29.98 -12.03 28.20
CA ASP A 28 30.52 -12.38 29.50
C ASP A 28 29.77 -11.72 30.65
N GLY A 29 28.98 -10.70 30.36
CA GLY A 29 28.23 -9.98 31.36
C GLY A 29 27.09 -9.25 30.70
N LEU A 30 25.91 -9.26 31.33
CA LEU A 30 24.72 -8.65 30.78
C LEU A 30 24.15 -7.72 31.83
N TYR A 31 23.83 -6.49 31.42
CA TYR A 31 23.36 -5.46 32.35
C TYR A 31 22.15 -4.80 31.72
N LEU A 32 21.00 -4.91 32.40
CA LEU A 32 19.73 -4.41 31.87
C LEU A 32 19.32 -3.13 32.59
N PHE A 33 18.85 -2.15 31.80
CA PHE A 33 18.48 -0.84 32.32
C PHE A 33 17.10 -0.45 31.82
N GLY A 34 16.38 0.30 32.66
CA GLY A 34 15.11 0.90 32.27
C GLY A 34 14.82 2.13 33.08
N SER A 35 13.58 2.62 33.07
CA SER A 35 13.09 3.68 33.93
C SER A 35 12.90 3.11 35.33
N SER A 36 12.50 3.96 36.28
CA SER A 36 12.03 3.45 37.56
C SER A 36 10.89 2.44 37.40
N ARG A 37 10.19 2.44 36.26
CA ARG A 37 9.05 1.56 36.09
C ARG A 37 9.47 0.10 35.95
N SER A 38 10.58 -0.16 35.26
CA SER A 38 11.03 -1.54 35.08
C SER A 38 12.16 -1.92 36.01
N ALA A 39 12.71 -0.98 36.79
CA ALA A 39 13.70 -1.33 37.80
C ALA A 39 13.14 -2.39 38.73
N GLY A 40 13.94 -3.43 38.98
CA GLY A 40 13.53 -4.55 39.80
C GLY A 40 12.91 -5.70 39.04
N SER A 41 12.50 -5.48 37.79
CA SER A 41 11.98 -6.51 36.90
C SER A 41 13.04 -7.59 36.67
N VAL A 42 12.59 -8.82 36.43
CA VAL A 42 13.50 -9.97 36.19
C VAL A 42 13.33 -10.44 34.76
N TYR A 43 14.46 -10.65 34.07
CA TYR A 43 14.46 -11.26 32.74
C TYR A 43 15.46 -12.40 32.70
N SER A 44 15.10 -13.43 31.95
CA SER A 44 15.91 -14.62 31.78
C SER A 44 16.72 -14.51 30.49
N PHE A 45 18.01 -14.84 30.54
CA PHE A 45 18.84 -14.84 29.34
C PHE A 45 19.79 -16.01 29.41
N LYS A 46 19.60 -16.98 28.52
CA LYS A 46 20.52 -18.11 28.45
C LYS A 46 20.63 -18.82 29.80
N GLY A 47 19.51 -19.01 30.49
CA GLY A 47 19.47 -19.80 31.70
C GLY A 47 19.83 -19.09 32.99
N LYS A 48 20.10 -17.79 32.95
CA LYS A 48 20.33 -17.00 34.15
C LYS A 48 19.34 -15.85 34.20
N GLU A 49 19.04 -15.38 35.40
CA GLU A 49 18.12 -14.27 35.60
C GLU A 49 18.88 -12.98 35.88
N TYR A 50 18.41 -11.90 35.29
CA TYR A 50 19.02 -10.59 35.41
C TYR A 50 17.96 -9.63 35.94
N VAL A 51 18.38 -8.70 36.80
CA VAL A 51 17.48 -7.75 37.45
C VAL A 51 17.74 -6.37 36.86
N VAL A 52 16.67 -5.70 36.42
CA VAL A 52 16.81 -4.42 35.75
C VAL A 52 17.19 -3.35 36.76
N ARG A 53 18.08 -2.45 36.36
CA ARG A 53 18.44 -1.28 37.15
C ARG A 53 17.86 -0.03 36.52
N GLU A 54 17.46 0.92 37.36
CA GLU A 54 17.06 2.22 36.84
C GLU A 54 18.26 2.92 36.22
N LEU A 55 18.05 3.48 35.05
CA LEU A 55 19.16 4.21 34.39
C LEU A 55 19.33 5.56 35.09
N LYS A 56 20.54 5.79 35.60
CA LYS A 56 20.79 7.06 36.33
C LYS A 56 22.09 7.68 35.85
N ASP A 57 22.29 8.95 36.17
CA ASP A 57 23.51 9.66 35.72
C ASP A 57 24.64 9.28 36.67
N ASN A 58 25.26 8.12 36.43
CA ASN A 58 26.30 7.62 37.35
C ASN A 58 27.41 6.87 36.58
N ASP A 59 28.07 5.93 37.23
CA ASP A 59 29.21 5.23 36.62
C ASP A 59 28.83 3.78 36.27
N ASP A 60 27.54 3.50 36.15
CA ASP A 60 27.10 2.14 35.89
C ASP A 60 27.70 1.54 34.63
N PHE A 61 28.14 2.34 33.67
CA PHE A 61 28.59 1.78 32.39
C PHE A 61 30.10 1.61 32.33
N LYS A 62 30.81 1.87 33.42
CA LYS A 62 32.22 1.53 33.50
C LYS A 62 32.38 0.02 33.32
N GLY A 63 33.27 -0.37 32.42
CA GLY A 63 33.48 -1.78 32.15
C GLY A 63 32.58 -2.38 31.10
N ILE A 64 31.57 -1.65 30.62
CA ILE A 64 30.64 -2.19 29.64
C ILE A 64 31.12 -1.85 28.24
N ASP A 65 31.11 -2.85 27.35
CA ASP A 65 31.69 -2.68 26.03
C ASP A 65 30.72 -2.03 25.05
N ILE A 66 29.48 -2.51 25.02
CA ILE A 66 28.48 -2.05 24.08
C ILE A 66 27.17 -1.93 24.82
N ALA A 67 26.43 -0.84 24.55
CA ALA A 67 25.10 -0.64 25.10
C ALA A 67 24.13 -0.52 23.93
N PHE A 68 23.21 -1.48 23.85
CA PHE A 68 22.12 -1.46 22.88
C PHE A 68 20.95 -0.68 23.48
N CYS A 69 20.57 0.43 22.85
CA CYS A 69 19.64 1.37 23.47
C CYS A 69 18.38 1.49 22.62
N SER A 70 17.21 1.29 23.24
CA SER A 70 15.94 1.58 22.58
C SER A 70 15.00 2.09 23.67
N ALA A 71 15.24 3.32 24.10
CA ALA A 71 14.53 3.87 25.25
C ALA A 71 13.89 5.21 24.93
N GLY A 72 13.81 5.59 23.67
CA GLY A 72 13.23 6.86 23.30
C GLY A 72 14.29 7.91 23.03
N GLY A 73 13.98 8.81 22.11
CA GLY A 73 14.92 9.87 21.75
C GLY A 73 15.34 10.71 22.93
N ASP A 74 14.38 11.13 23.76
CA ASP A 74 14.75 11.99 24.88
C ASP A 74 15.66 11.26 25.85
N THR A 75 15.39 9.98 26.12
CA THR A 75 16.25 9.23 27.02
C THR A 75 17.67 9.15 26.47
N SER A 76 17.80 8.91 25.17
CA SER A 76 19.14 8.82 24.59
C SER A 76 19.85 10.17 24.66
N ILE A 77 19.15 11.28 24.42
CA ILE A 77 19.79 12.58 24.59
C ILE A 77 20.22 12.78 26.03
N ALA A 78 19.34 12.46 26.98
CA ALA A 78 19.59 12.75 28.39
C ALA A 78 20.73 11.92 28.94
N PHE A 79 20.92 10.72 28.42
CA PHE A 79 21.82 9.76 29.05
C PHE A 79 22.98 9.31 28.18
N ALA A 80 23.13 9.88 26.98
CA ALA A 80 24.26 9.49 26.14
C ALA A 80 25.59 9.74 26.83
N ASP A 81 25.73 10.86 27.54
CA ASP A 81 27.00 11.10 28.23
C ASP A 81 27.24 10.06 29.33
N THR A 82 26.18 9.70 30.07
CA THR A 82 26.32 8.64 31.07
C THR A 82 26.73 7.33 30.42
N ILE A 83 26.04 6.96 29.34
CA ILE A 83 26.28 5.65 28.75
C ILE A 83 27.70 5.55 28.19
N THR A 84 28.21 6.65 27.62
CA THR A 84 29.52 6.68 26.96
C THR A 84 30.64 7.17 27.87
N ARG A 85 30.35 7.45 29.15
CA ARG A 85 31.28 8.15 30.02
C ARG A 85 32.60 7.41 30.18
N HIS A 86 32.56 6.07 30.16
CA HIS A 86 33.73 5.25 30.44
C HIS A 86 34.19 4.47 29.21
N GLY A 87 33.78 4.91 28.02
CA GLY A 87 34.23 4.30 26.79
C GLY A 87 33.28 3.29 26.18
N THR A 88 32.12 3.07 26.78
CA THR A 88 31.14 2.17 26.17
C THR A 88 30.71 2.70 24.80
N LEU A 89 30.58 1.78 23.84
CA LEU A 89 30.01 2.10 22.54
C LEU A 89 28.49 2.02 22.63
N MET A 90 27.82 3.14 22.37
CA MET A 90 26.37 3.24 22.41
C MET A 90 25.84 3.06 21.00
N ILE A 91 25.11 1.98 20.79
CA ILE A 91 24.42 1.74 19.52
C ILE A 91 22.96 2.07 19.78
N ASP A 92 22.48 3.14 19.17
CA ASP A 92 21.24 3.80 19.58
C ASP A 92 20.14 3.57 18.56
N ASN A 93 19.04 2.95 18.97
CA ASN A 93 17.93 2.72 18.05
C ASN A 93 16.98 3.90 17.94
N SER A 94 17.13 4.92 18.78
CA SER A 94 16.31 6.13 18.74
C SER A 94 16.64 6.99 17.51
N SER A 95 15.81 7.99 17.27
CA SER A 95 16.00 9.00 16.25
C SER A 95 16.99 10.10 16.65
N ALA A 96 17.44 10.11 17.91
CA ALA A 96 18.04 11.32 18.47
C ALA A 96 19.25 11.80 17.68
N PHE A 97 20.10 10.88 17.22
CA PHE A 97 21.40 11.25 16.67
C PHE A 97 21.53 10.93 15.19
N ARG A 98 20.42 10.64 14.52
CA ARG A 98 20.49 10.15 13.14
C ARG A 98 21.02 11.19 12.17
N MET A 99 20.92 12.47 12.49
CA MET A 99 21.38 13.51 11.58
C MET A 99 22.68 14.18 12.04
N GLN A 100 23.30 13.71 13.11
CA GLN A 100 24.56 14.30 13.57
C GLN A 100 25.70 13.74 12.74
N GLU A 101 26.47 14.63 12.10
CA GLU A 101 27.47 14.17 11.14
C GLU A 101 28.62 13.40 11.80
N ASP A 102 28.87 13.58 13.10
CA ASP A 102 29.88 12.80 13.79
C ASP A 102 29.33 11.53 14.45
N VAL A 103 28.11 11.14 14.10
CA VAL A 103 27.53 9.88 14.57
C VAL A 103 27.21 9.06 13.33
N PRO A 104 27.87 7.94 13.12
CA PRO A 104 27.57 7.15 11.91
C PRO A 104 26.16 6.58 11.96
N LEU A 105 25.55 6.45 10.77
CA LEU A 105 24.21 5.93 10.58
C LEU A 105 24.34 4.69 9.71
N VAL A 106 24.20 3.50 10.29
CA VAL A 106 24.80 2.31 9.69
C VAL A 106 23.77 1.22 9.43
N VAL A 107 23.84 0.68 8.20
CA VAL A 107 23.29 -0.63 7.86
C VAL A 107 24.49 -1.44 7.38
N PRO A 108 24.88 -2.50 8.09
CA PRO A 108 26.18 -3.13 7.81
C PRO A 108 26.36 -3.59 6.38
N GLU A 109 25.29 -4.08 5.72
CA GLU A 109 25.37 -4.53 4.33
C GLU A 109 25.72 -3.40 3.37
N VAL A 110 25.50 -2.17 3.78
CA VAL A 110 25.61 -1.00 2.91
C VAL A 110 26.83 -0.17 3.24
N ASN A 111 26.96 0.26 4.49
CA ASN A 111 28.03 1.17 4.88
C ASN A 111 28.61 0.74 6.21
N GLY A 112 28.83 -0.57 6.36
CA GLY A 112 29.37 -1.08 7.62
C GLY A 112 30.66 -0.40 8.06
N ASP A 113 31.53 -0.03 7.10
CA ASP A 113 32.79 0.58 7.50
C ASP A 113 32.60 1.93 8.19
N ASP A 114 31.47 2.61 7.97
CA ASP A 114 31.23 3.86 8.68
C ASP A 114 31.25 3.66 10.19
N ALA A 115 30.91 2.45 10.64
CA ALA A 115 30.85 2.15 12.07
C ALA A 115 32.21 2.17 12.74
N LEU A 116 33.30 2.09 11.97
CA LEU A 116 34.62 2.04 12.57
C LEU A 116 35.07 3.38 13.15
N VAL A 117 34.41 4.46 12.76
CA VAL A 117 34.80 5.80 13.17
C VAL A 117 33.63 6.42 13.92
N HIS A 118 33.76 6.53 15.23
CA HIS A 118 32.68 7.00 16.10
C HIS A 118 33.26 7.89 17.19
N PRO A 119 33.54 9.16 16.86
CA PRO A 119 34.22 10.04 17.83
C PRO A 119 33.41 10.37 19.07
N ARG A 120 32.09 10.23 19.04
CA ARG A 120 31.29 10.42 20.23
C ARG A 120 30.94 9.10 20.89
N ASN A 121 31.49 8.00 20.38
CA ASN A 121 31.21 6.64 20.84
C ASN A 121 29.72 6.33 20.76
N ILE A 122 29.06 6.93 19.76
CA ILE A 122 27.67 6.64 19.43
C ILE A 122 27.60 6.21 17.97
N ILE A 123 26.78 5.19 17.70
CA ILE A 123 26.40 4.79 16.35
C ILE A 123 24.89 4.73 16.33
N SER A 124 24.26 5.32 15.31
CA SER A 124 22.81 5.35 15.22
C SER A 124 22.32 4.21 14.33
N ASN A 125 21.31 3.50 14.83
CA ASN A 125 20.54 2.53 14.08
C ASN A 125 19.46 3.28 13.28
N PRO A 126 19.38 3.12 11.96
CA PRO A 126 18.43 3.93 11.18
C PRO A 126 16.98 3.53 11.40
N ASN A 127 16.11 4.35 10.83
CA ASN A 127 14.68 4.08 10.78
C ASN A 127 14.39 2.74 10.13
N CYS A 128 13.37 2.03 10.66
CA CYS A 128 12.99 0.68 10.25
C CYS A 128 12.78 0.57 8.74
N THR A 129 11.92 1.47 8.25
CA THR A 129 11.59 1.40 6.82
C THR A 129 12.79 1.77 5.95
N THR A 130 13.68 2.62 6.45
CA THR A 130 14.88 2.98 5.69
C THR A 130 15.83 1.79 5.59
N ILE A 131 16.05 1.09 6.72
CA ILE A 131 16.94 -0.08 6.69
C ILE A 131 16.46 -1.05 5.62
N GLN A 132 15.17 -1.35 5.64
CA GLN A 132 14.61 -2.30 4.69
C GLN A 132 14.88 -1.86 3.26
N MET A 133 14.65 -0.58 2.97
CA MET A 133 14.82 -0.09 1.61
C MET A 133 16.28 -0.16 1.17
N VAL A 134 17.22 0.30 2.01
CA VAL A 134 18.58 0.41 1.49
C VAL A 134 19.26 -0.95 1.37
N VAL A 135 18.81 -1.95 2.14
CA VAL A 135 19.32 -3.31 1.93
C VAL A 135 19.02 -3.77 0.51
N ALA A 136 17.83 -3.43 0.00
CA ALA A 136 17.47 -3.77 -1.38
C ALA A 136 18.12 -2.82 -2.39
N LEU A 137 18.26 -1.54 -2.05
CA LEU A 137 18.81 -0.58 -3.00
C LEU A 137 20.28 -0.82 -3.27
N LYS A 138 21.04 -1.23 -2.26
CA LYS A 138 22.50 -1.35 -2.41
C LYS A 138 22.93 -2.22 -3.59
N PRO A 139 22.42 -3.45 -3.75
CA PRO A 139 22.88 -4.26 -4.90
C PRO A 139 22.61 -3.59 -6.24
N ILE A 140 21.55 -2.78 -6.31
CA ILE A 140 21.26 -2.03 -7.53
C ILE A 140 22.23 -0.85 -7.67
N GLU A 141 22.45 -0.12 -6.57
CA GLU A 141 23.38 1.01 -6.60
C GLU A 141 24.74 0.58 -7.12
N ASP A 142 25.16 -0.64 -6.79
CA ASP A 142 26.47 -1.13 -7.18
C ASP A 142 26.56 -1.38 -8.68
N LEU A 143 25.42 -1.57 -9.33
CA LEU A 143 25.40 -1.70 -10.79
C LEU A 143 25.33 -0.34 -11.48
N SER A 144 24.48 0.55 -10.97
CA SER A 144 24.32 1.86 -11.56
C SER A 144 23.78 2.82 -10.52
N HIS A 145 24.32 4.04 -10.50
CA HIS A 145 23.92 5.01 -9.49
C HIS A 145 22.40 5.24 -9.53
N ILE A 146 21.78 5.22 -8.36
CA ILE A 146 20.35 5.48 -8.25
C ILE A 146 20.15 6.98 -8.09
N ARG A 147 19.39 7.59 -8.99
CA ARG A 147 19.10 9.02 -8.92
C ARG A 147 17.86 9.32 -8.09
N ARG A 148 16.79 8.52 -8.26
CA ARG A 148 15.49 8.82 -7.73
C ARG A 148 14.82 7.54 -7.24
N VAL A 149 14.03 7.67 -6.18
CA VAL A 149 13.19 6.56 -5.69
C VAL A 149 11.80 7.10 -5.42
N HIS A 150 10.78 6.38 -5.87
CA HIS A 150 9.42 6.53 -5.38
C HIS A 150 9.07 5.28 -4.59
N VAL A 151 8.58 5.45 -3.36
CA VAL A 151 8.27 4.29 -2.53
C VAL A 151 6.94 4.50 -1.81
N ALA A 152 6.03 3.55 -1.98
CA ALA A 152 4.82 3.46 -1.17
C ALA A 152 5.03 2.39 -0.10
N THR A 153 4.81 2.75 1.17
CA THR A 153 4.97 1.76 2.23
C THR A 153 3.62 1.28 2.73
N TYR A 154 3.65 0.07 3.28
CA TYR A 154 2.49 -0.61 3.82
C TYR A 154 3.00 -1.05 5.19
N GLN A 155 2.79 -0.23 6.21
CA GLN A 155 3.52 -0.38 7.46
C GLN A 155 2.66 -0.98 8.56
N ALA A 156 3.23 -1.95 9.28
CA ALA A 156 2.53 -2.77 10.25
C ALA A 156 2.21 -2.01 11.53
N ALA A 157 1.22 -2.54 12.26
CA ALA A 157 0.78 -1.95 13.53
C ALA A 157 1.90 -1.92 14.57
N SER A 158 2.84 -2.87 14.50
CA SER A 158 3.95 -2.86 15.45
C SER A 158 4.85 -1.63 15.32
N GLY A 159 4.71 -0.86 14.24
CA GLY A 159 5.42 0.41 14.18
C GLY A 159 5.08 1.36 15.29
N ALA A 160 3.89 1.22 15.90
CA ALA A 160 3.50 1.97 17.09
C ALA A 160 3.72 1.17 18.38
N GLY A 161 4.65 0.23 18.36
CA GLY A 161 4.96 -0.52 19.56
C GLY A 161 3.97 -1.62 19.86
N ALA A 162 4.29 -2.37 20.92
CA ALA A 162 3.44 -3.50 21.31
C ALA A 162 1.99 -3.06 21.54
N LEU A 163 1.79 -1.86 22.07
CA LEU A 163 0.44 -1.37 22.28
C LEU A 163 -0.27 -1.07 20.97
N GLY A 164 0.49 -0.68 19.94
CA GLY A 164 -0.08 -0.58 18.60
C GLY A 164 -0.52 -1.93 18.06
N MET A 165 0.36 -2.93 18.14
CA MET A 165 -0.05 -4.28 17.77
C MET A 165 -1.25 -4.71 18.61
N ALA A 166 -1.27 -4.33 19.90
CA ALA A 166 -2.36 -4.73 20.79
C ALA A 166 -3.69 -4.16 20.32
N GLU A 167 -3.71 -2.87 19.97
CA GLU A 167 -4.93 -2.24 19.50
C GLU A 167 -5.48 -2.94 18.27
N LEU A 168 -4.61 -3.26 17.32
CA LEU A 168 -5.08 -3.94 16.11
C LEU A 168 -5.77 -5.25 16.47
N VAL A 169 -5.12 -6.05 17.32
CA VAL A 169 -5.65 -7.36 17.67
C VAL A 169 -6.98 -7.22 18.41
N GLN A 170 -7.05 -6.31 19.38
CA GLN A 170 -8.29 -6.11 20.11
C GLN A 170 -9.41 -5.65 19.18
N GLN A 171 -9.10 -4.75 18.24
CA GLN A 171 -10.11 -4.30 17.30
C GLN A 171 -10.70 -5.47 16.52
N VAL A 172 -9.81 -6.40 16.14
CA VAL A 172 -10.24 -7.61 15.39
C VAL A 172 -11.31 -8.31 16.21
N GLU A 173 -11.05 -8.40 17.50
CA GLU A 173 -12.05 -9.07 18.36
C GLU A 173 -13.31 -8.22 18.46
N GLU A 174 -13.15 -6.93 18.71
CA GLU A 174 -14.35 -6.08 18.87
C GLU A 174 -15.19 -6.18 17.59
N LEU A 175 -14.55 -6.05 16.43
CA LEU A 175 -15.31 -6.07 15.15
C LEU A 175 -15.94 -7.45 14.98
N ALA A 176 -15.26 -8.46 15.46
CA ALA A 176 -15.85 -9.79 15.38
C ALA A 176 -17.16 -9.86 16.17
N ARG A 177 -17.11 -9.35 17.38
CA ARG A 177 -18.28 -9.40 18.26
C ARG A 177 -19.26 -8.25 17.97
N GLY A 178 -19.03 -7.43 16.95
CA GLY A 178 -19.89 -6.30 16.65
C GLY A 178 -19.91 -5.20 17.70
N GLU A 179 -18.75 -4.90 18.29
CA GLU A 179 -18.64 -3.82 19.25
C GLU A 179 -18.02 -2.58 18.60
N LYS A 180 -18.09 -1.46 19.32
CA LYS A 180 -17.44 -0.24 18.87
C LYS A 180 -15.93 -0.40 18.97
N PRO A 181 -15.18 -0.12 17.91
CA PRO A 181 -13.72 -0.33 17.97
C PRO A 181 -13.03 0.68 18.87
N THR A 182 -12.15 0.19 19.73
CA THR A 182 -11.30 1.03 20.56
C THR A 182 -10.25 1.72 19.68
N VAL A 183 -10.30 3.04 19.60
CA VAL A 183 -9.36 3.83 18.80
C VAL A 183 -8.60 4.73 19.74
N ASP A 184 -7.29 4.53 19.83
CA ASP A 184 -6.45 5.25 20.78
C ASP A 184 -5.01 5.38 20.28
N LYS A 185 -4.33 4.24 20.07
CA LYS A 185 -2.93 4.31 19.69
C LYS A 185 -2.74 4.64 18.21
N PHE A 186 -3.80 4.61 17.42
CA PHE A 186 -3.81 5.13 16.05
C PHE A 186 -4.84 6.25 15.93
N ALA A 187 -4.64 7.09 14.91
CA ALA A 187 -5.49 8.26 14.73
C ALA A 187 -6.91 7.90 14.34
N TYR A 188 -7.08 6.76 13.67
CA TYR A 188 -8.38 6.26 13.25
C TYR A 188 -8.37 4.75 13.42
N GLN A 189 -9.54 4.13 13.28
CA GLN A 189 -9.62 2.68 13.24
C GLN A 189 -8.67 2.13 12.19
N LEU A 190 -7.87 1.13 12.56
CA LEU A 190 -6.93 0.54 11.62
C LEU A 190 -7.49 -0.69 10.94
N MET A 191 -8.20 -1.55 11.68
CA MET A 191 -8.84 -2.70 11.05
C MET A 191 -9.76 -2.22 9.92
N TYR A 192 -9.70 -2.94 8.80
CA TYR A 192 -10.51 -2.64 7.62
C TYR A 192 -10.23 -1.26 7.07
N ASN A 193 -9.06 -0.69 7.38
CA ASN A 193 -8.77 0.68 6.97
C ASN A 193 -7.30 0.80 6.59
N LEU A 194 -6.94 1.97 6.07
CA LEU A 194 -5.56 2.37 5.84
C LEU A 194 -5.41 3.81 6.30
N ILE A 195 -4.33 4.11 7.02
CA ILE A 195 -4.13 5.46 7.52
C ILE A 195 -2.90 6.04 6.83
N PRO A 196 -3.05 6.97 5.89
CA PRO A 196 -1.91 7.50 5.13
C PRO A 196 -1.15 8.58 5.90
N GLN A 197 -0.87 8.31 7.17
CA GLN A 197 -0.02 9.18 7.97
C GLN A 197 0.74 8.32 8.96
N ILE A 198 2.06 8.37 8.92
CA ILE A 198 2.89 7.75 9.94
C ILE A 198 3.77 8.83 10.54
N ASP A 199 3.57 9.09 11.84
CA ASP A 199 4.24 10.17 12.56
C ASP A 199 3.70 11.54 12.17
N VAL A 200 4.21 12.59 12.82
CA VAL A 200 3.63 13.92 12.65
C VAL A 200 4.03 14.52 11.30
N PHE A 201 3.25 15.52 10.87
CA PHE A 201 3.56 16.23 9.62
C PHE A 201 4.68 17.25 9.85
N THR A 202 5.42 17.54 8.76
CA THR A 202 6.44 18.58 8.72
C THR A 202 6.01 19.68 7.75
N ASP A 203 6.85 20.72 7.67
CA ASP A 203 6.52 21.94 6.92
C ASP A 203 6.26 21.72 5.44
N ASN A 204 6.79 20.66 4.83
CA ASN A 204 6.55 20.45 3.41
C ASN A 204 5.43 19.45 3.16
N ASP A 205 4.68 19.10 4.19
CA ASP A 205 3.50 18.26 4.14
C ASP A 205 3.84 16.78 3.95
N TYR A 206 5.10 16.40 3.93
CA TYR A 206 5.51 15.03 4.19
C TYR A 206 5.54 14.81 5.70
N THR A 207 5.30 13.56 6.13
CA THR A 207 5.43 13.27 7.56
C THR A 207 6.88 13.03 7.95
N LYS A 208 7.14 12.97 9.26
CA LYS A 208 8.51 12.71 9.70
C LYS A 208 9.00 11.34 9.24
N GLU A 209 8.09 10.36 9.12
CA GLU A 209 8.50 9.04 8.61
C GLU A 209 8.96 9.15 7.16
N GLU A 210 8.18 9.85 6.33
CA GLU A 210 8.57 10.03 4.94
C GLU A 210 9.89 10.80 4.82
N MET A 211 10.11 11.79 5.69
CA MET A 211 11.34 12.57 5.61
C MET A 211 12.54 11.79 6.13
N LYS A 212 12.32 10.81 7.02
CA LYS A 212 13.43 9.95 7.40
C LYS A 212 13.90 9.13 6.21
N MET A 213 12.97 8.61 5.42
CA MET A 213 13.38 7.88 4.23
C MET A 213 14.13 8.78 3.25
N TYR A 214 13.79 10.07 3.21
CA TYR A 214 14.54 11.01 2.38
C TYR A 214 15.95 11.26 2.91
N ARG A 215 16.06 11.63 4.20
CA ARG A 215 17.32 12.14 4.73
C ARG A 215 18.29 11.03 5.10
N GLU A 216 17.79 9.98 5.75
CA GLU A 216 18.66 8.91 6.23
C GLU A 216 19.25 8.12 5.08
N THR A 217 18.49 7.94 4.00
CA THR A 217 18.99 7.20 2.84
C THR A 217 20.22 7.89 2.25
N LYS A 218 20.20 9.22 2.17
CA LYS A 218 21.37 9.97 1.69
C LYS A 218 22.60 9.69 2.54
N ARG A 219 22.44 9.71 3.86
CA ARG A 219 23.58 9.49 4.74
C ARG A 219 24.12 8.07 4.61
N ILE A 220 23.23 7.08 4.64
CA ILE A 220 23.66 5.69 4.62
C ILE A 220 24.35 5.36 3.30
N MET A 221 23.81 5.88 2.20
CA MET A 221 24.34 5.51 0.91
C MET A 221 25.40 6.49 0.41
N HIS A 222 25.75 7.50 1.21
CA HIS A 222 26.71 8.51 0.79
C HIS A 222 26.32 9.02 -0.60
N SER A 223 25.05 9.41 -0.75
CA SER A 223 24.51 9.55 -2.09
C SER A 223 23.61 10.78 -2.16
N ASP A 224 23.51 11.36 -3.35
CA ASP A 224 22.57 12.44 -3.62
C ASP A 224 21.18 11.93 -4.01
N VAL A 225 20.96 10.63 -3.82
CA VAL A 225 19.65 10.03 -4.15
C VAL A 225 18.50 10.79 -3.48
N MET A 226 17.44 10.99 -4.25
CA MET A 226 16.22 11.66 -3.76
C MET A 226 15.10 10.63 -3.67
N VAL A 227 14.64 10.41 -2.45
CA VAL A 227 13.57 9.43 -2.18
C VAL A 227 12.30 10.17 -1.80
N SER A 228 11.26 9.90 -2.56
CA SER A 228 9.93 10.43 -2.25
C SER A 228 9.02 9.29 -1.78
N ALA A 229 8.54 9.38 -0.54
CA ALA A 229 7.78 8.29 0.07
C ALA A 229 6.37 8.72 0.44
N THR A 230 5.44 7.77 0.32
CA THR A 230 4.12 7.86 0.93
C THR A 230 4.03 6.71 1.90
N CYS A 231 3.99 7.02 3.19
CA CYS A 231 4.00 6.01 4.23
C CYS A 231 2.59 5.82 4.76
N VAL A 232 2.11 4.57 4.76
CA VAL A 232 0.72 4.24 5.05
C VAL A 232 0.71 3.13 6.10
N ARG A 233 -0.10 3.33 7.15
CA ARG A 233 -0.33 2.29 8.14
C ARG A 233 -1.41 1.34 7.65
N VAL A 234 -1.16 0.03 7.82
CA VAL A 234 -2.07 -1.01 7.32
C VAL A 234 -2.29 -2.03 8.42
N PRO A 235 -3.40 -2.78 8.35
CA PRO A 235 -3.73 -3.75 9.42
C PRO A 235 -2.96 -5.05 9.30
N VAL A 236 -1.64 -4.93 9.45
CA VAL A 236 -0.71 -6.06 9.45
C VAL A 236 0.03 -6.04 10.78
N MET A 237 0.49 -7.20 11.25
CA MET A 237 1.00 -7.25 12.62
C MET A 237 2.38 -6.61 12.77
N ARG A 238 3.41 -7.19 12.14
CA ARG A 238 4.73 -6.68 12.48
C ARG A 238 5.76 -6.69 11.36
N ALA A 239 5.38 -6.95 10.11
CA ALA A 239 6.28 -6.82 8.98
C ALA A 239 5.83 -5.68 8.09
N HIS A 240 6.80 -4.91 7.58
CA HIS A 240 6.57 -3.79 6.69
C HIS A 240 6.76 -4.23 5.24
N SER A 241 6.01 -3.61 4.34
CA SER A 241 6.11 -3.91 2.92
C SER A 241 6.32 -2.59 2.17
N GLU A 242 7.06 -2.65 1.05
CA GLU A 242 7.35 -1.45 0.28
C GLU A 242 7.28 -1.75 -1.20
N ALA A 243 6.54 -0.91 -1.92
CA ALA A 243 6.51 -0.91 -3.38
C ALA A 243 7.46 0.17 -3.84
N ILE A 244 8.50 -0.20 -4.59
CA ILE A 244 9.61 0.69 -4.89
C ILE A 244 9.79 0.82 -6.40
N TRP A 245 9.95 2.06 -6.86
CA TRP A 245 10.39 2.37 -8.22
C TRP A 245 11.74 3.06 -8.13
N VAL A 246 12.76 2.50 -8.80
CA VAL A 246 14.13 3.04 -8.73
C VAL A 246 14.54 3.46 -10.14
N GLU A 247 15.13 4.65 -10.24
CA GLU A 247 15.63 5.15 -11.51
C GLU A 247 17.14 5.29 -11.42
N THR A 248 17.85 4.62 -12.33
CA THR A 248 19.31 4.57 -12.31
C THR A 248 19.86 5.31 -13.52
N GLU A 249 21.19 5.46 -13.54
CA GLU A 249 21.81 6.24 -14.62
C GLU A 249 21.83 5.47 -15.92
N ARG A 250 21.84 4.14 -15.85
CA ARG A 250 21.63 3.32 -17.04
C ARG A 250 20.53 2.31 -16.75
N PRO A 251 19.94 1.72 -17.79
CA PRO A 251 18.87 0.74 -17.57
C PRO A 251 19.41 -0.52 -16.90
N ILE A 252 18.69 -1.00 -15.89
CA ILE A 252 18.99 -2.30 -15.28
C ILE A 252 17.79 -3.21 -15.56
N ALA A 253 17.99 -4.21 -16.40
CA ALA A 253 16.90 -5.10 -16.76
C ALA A 253 16.52 -5.98 -15.58
N PRO A 254 15.28 -6.47 -15.54
CA PRO A 254 14.84 -7.31 -14.41
C PRO A 254 15.76 -8.49 -14.14
N GLU A 255 16.25 -9.19 -15.17
CA GLU A 255 17.10 -10.35 -14.88
C GLU A 255 18.45 -9.93 -14.33
N GLU A 256 18.94 -8.75 -14.69
CA GLU A 256 20.18 -8.26 -14.07
C GLU A 256 19.95 -7.95 -12.61
N ALA A 257 18.81 -7.32 -12.30
CA ALA A 257 18.45 -7.01 -10.91
C ALA A 257 18.27 -8.30 -10.11
N ARG A 258 17.55 -9.26 -10.69
CA ARG A 258 17.34 -10.53 -10.01
C ARG A 258 18.67 -11.16 -9.63
N ALA A 259 19.64 -11.15 -10.56
CA ALA A 259 20.94 -11.76 -10.29
C ALA A 259 21.68 -11.03 -9.18
N ALA A 260 21.54 -9.71 -9.14
CA ALA A 260 22.14 -8.92 -8.07
C ALA A 260 21.50 -9.25 -6.73
N PHE A 261 20.17 -9.35 -6.69
CA PHE A 261 19.49 -9.67 -5.43
C PHE A 261 19.86 -11.07 -4.97
N ALA A 262 20.04 -11.99 -5.93
CA ALA A 262 20.31 -13.38 -5.57
C ALA A 262 21.60 -13.54 -4.79
N LYS A 263 22.56 -12.63 -4.96
CA LYS A 263 23.82 -12.74 -4.23
C LYS A 263 23.98 -11.65 -3.17
N ALA A 264 22.96 -10.84 -2.95
CA ALA A 264 23.09 -9.68 -2.06
C ALA A 264 22.96 -10.11 -0.60
N PRO A 265 23.89 -9.71 0.27
CA PRO A 265 23.75 -10.02 1.69
C PRO A 265 22.49 -9.40 2.25
N GLY A 266 21.84 -10.13 3.16
CA GLY A 266 20.65 -9.62 3.81
C GLY A 266 19.38 -9.68 2.99
N VAL A 267 19.45 -10.17 1.75
CA VAL A 267 18.29 -10.23 0.85
C VAL A 267 17.95 -11.70 0.62
N LEU A 268 16.65 -11.99 0.63
CA LEU A 268 16.12 -13.25 0.12
C LEU A 268 15.30 -12.94 -1.13
N LEU A 269 15.72 -13.50 -2.26
CA LEU A 269 14.95 -13.39 -3.49
C LEU A 269 13.77 -14.35 -3.42
N CYS A 270 12.58 -13.82 -3.66
CA CYS A 270 11.34 -14.61 -3.66
C CYS A 270 10.51 -14.06 -4.81
N ASP A 271 10.70 -14.62 -6.03
CA ASP A 271 10.13 -13.99 -7.21
C ASP A 271 9.92 -15.09 -8.27
N GLU A 272 8.77 -15.75 -8.18
CA GLU A 272 8.37 -16.74 -9.19
C GLU A 272 6.90 -16.51 -9.53
N PRO A 273 6.63 -15.58 -10.44
CA PRO A 273 5.23 -15.28 -10.76
C PRO A 273 4.42 -16.52 -11.16
N SER A 274 5.02 -17.45 -11.89
CA SER A 274 4.27 -18.63 -12.32
C SER A 274 3.93 -19.56 -11.16
N GLU A 275 4.60 -19.40 -10.01
CA GLU A 275 4.30 -20.17 -8.82
C GLU A 275 3.66 -19.30 -7.73
N LYS A 276 3.27 -18.07 -8.07
CA LYS A 276 2.70 -17.14 -7.10
C LYS A 276 3.60 -16.98 -5.88
N GLN A 277 4.91 -16.94 -6.13
CA GLN A 277 5.90 -16.68 -5.09
C GLN A 277 6.31 -15.22 -5.13
N TYR A 278 6.01 -14.51 -4.04
CA TYR A 278 6.38 -13.10 -3.89
C TYR A 278 6.39 -12.78 -2.41
N PRO A 279 7.07 -11.71 -2.01
CA PRO A 279 7.12 -11.37 -0.58
C PRO A 279 5.74 -10.99 -0.05
N MET A 280 5.42 -11.48 1.15
CA MET A 280 4.19 -11.08 1.80
C MET A 280 4.49 -10.92 3.29
N PRO A 281 3.96 -9.88 3.93
CA PRO A 281 4.29 -9.66 5.34
C PRO A 281 3.90 -10.79 6.26
N LEU A 282 2.78 -11.48 6.00
CA LEU A 282 2.42 -12.61 6.86
C LEU A 282 3.54 -13.64 6.92
N PHE A 283 4.28 -13.82 5.83
CA PHE A 283 5.32 -14.83 5.78
C PHE A 283 6.72 -14.29 6.00
N GLY A 284 6.89 -12.96 6.05
CA GLY A 284 8.15 -12.35 6.41
C GLY A 284 8.28 -12.08 7.89
N THR A 285 7.23 -12.38 8.64
CA THR A 285 7.22 -12.10 10.07
C THR A 285 8.20 -13.01 10.80
N GLU A 286 8.92 -12.43 11.75
CA GLU A 286 9.89 -13.17 12.56
C GLU A 286 10.94 -13.87 11.69
N GLN A 287 11.27 -13.28 10.54
CA GLN A 287 12.38 -13.73 9.70
C GLN A 287 13.40 -12.61 9.58
N ASP A 288 14.61 -12.98 9.17
CA ASP A 288 15.74 -12.05 9.12
C ASP A 288 15.90 -11.31 7.79
N PRO A 289 15.66 -11.93 6.64
CA PRO A 289 16.01 -11.26 5.37
C PRO A 289 15.02 -10.16 5.01
N VAL A 290 15.50 -9.26 4.15
CA VAL A 290 14.63 -8.39 3.38
C VAL A 290 14.25 -9.20 2.15
N ILE A 291 12.96 -9.54 2.02
CA ILE A 291 12.48 -10.46 0.99
C ILE A 291 12.06 -9.63 -0.22
N VAL A 292 12.58 -9.96 -1.40
CA VAL A 292 12.43 -9.09 -2.56
C VAL A 292 11.83 -9.89 -3.70
N GLY A 293 10.82 -9.32 -4.35
CA GLY A 293 10.23 -9.93 -5.53
C GLY A 293 9.45 -8.93 -6.38
N ARG A 294 8.55 -9.48 -7.22
CA ARG A 294 7.78 -8.68 -8.18
C ARG A 294 8.69 -7.77 -9.00
N ILE A 295 9.88 -8.29 -9.32
CA ILE A 295 10.86 -7.48 -10.06
C ILE A 295 10.42 -7.36 -11.51
N ARG A 296 10.37 -6.12 -12.03
CA ARG A 296 10.01 -5.95 -13.43
C ARG A 296 10.54 -4.61 -13.93
N GLN A 297 10.48 -4.45 -15.26
CA GLN A 297 10.90 -3.19 -15.86
C GLN A 297 9.83 -2.13 -15.60
N ASP A 298 10.27 -0.88 -15.48
CA ASP A 298 9.35 0.25 -15.25
C ASP A 298 8.73 0.68 -16.57
N LEU A 299 7.42 0.44 -16.73
CA LEU A 299 6.79 0.78 -18.00
C LEU A 299 6.80 2.27 -18.27
N ALA A 300 7.05 3.09 -17.26
CA ALA A 300 7.01 4.54 -17.38
C ALA A 300 8.38 5.15 -17.61
N ASN A 301 9.45 4.37 -17.50
CA ASN A 301 10.79 4.94 -17.59
C ASN A 301 11.79 3.88 -18.03
N PRO A 302 12.44 4.03 -19.18
CA PRO A 302 13.42 3.01 -19.60
C PRO A 302 14.56 2.82 -18.62
N ASN A 303 14.83 3.80 -17.77
CA ASN A 303 15.89 3.69 -16.77
C ASN A 303 15.32 3.33 -15.40
N GLY A 304 14.09 2.81 -15.36
CA GLY A 304 13.42 2.45 -14.13
C GLY A 304 13.33 0.96 -13.91
N LEU A 305 13.35 0.57 -12.64
CA LEU A 305 13.15 -0.79 -12.19
C LEU A 305 12.10 -0.75 -11.08
N VAL A 306 11.20 -1.74 -11.04
CA VAL A 306 10.15 -1.80 -10.04
C VAL A 306 10.30 -3.10 -9.27
N PHE A 307 10.10 -3.06 -7.95
CA PHE A 307 10.02 -4.31 -7.20
C PHE A 307 9.23 -4.08 -5.92
N TRP A 308 9.11 -5.15 -5.13
CA TRP A 308 8.33 -5.20 -3.91
C TRP A 308 9.17 -5.88 -2.84
N CYS A 309 9.21 -5.34 -1.63
CA CYS A 309 9.94 -6.10 -0.62
C CYS A 309 9.28 -5.97 0.75
N VAL A 310 9.65 -6.94 1.59
CA VAL A 310 9.05 -7.18 2.90
C VAL A 310 10.16 -7.41 3.92
N SER A 311 9.99 -6.89 5.14
CA SER A 311 10.87 -7.32 6.22
C SER A 311 10.21 -7.10 7.57
N ASP A 312 10.73 -7.82 8.56
CA ASP A 312 10.17 -7.74 9.90
C ASP A 312 10.67 -6.47 10.59
N GLN A 313 9.77 -5.66 11.10
CA GLN A 313 10.27 -4.33 11.54
C GLN A 313 11.08 -4.43 12.83
N ILE A 314 10.83 -5.46 13.63
CA ILE A 314 11.53 -5.53 14.94
C ILE A 314 12.88 -6.21 14.78
N ARG A 315 13.01 -7.00 13.72
CA ARG A 315 14.26 -7.75 13.49
C ARG A 315 15.18 -6.88 12.64
N LYS A 316 15.18 -7.08 11.32
CA LYS A 316 16.12 -6.25 10.53
C LYS A 316 15.82 -4.74 10.68
N GLY A 317 14.57 -4.39 10.91
CA GLY A 317 14.24 -2.99 11.07
C GLY A 317 14.66 -2.36 12.39
N ALA A 318 15.16 -3.16 13.32
CA ALA A 318 15.57 -2.63 14.62
C ALA A 318 16.69 -3.46 15.26
N ALA A 319 16.32 -4.48 16.04
CA ALA A 319 17.31 -5.12 16.90
C ALA A 319 18.36 -5.90 16.11
N LEU A 320 17.94 -6.57 15.04
CA LEU A 320 18.90 -7.36 14.27
C LEU A 320 19.93 -6.44 13.62
N ASN A 321 19.50 -5.32 13.04
CA ASN A 321 20.47 -4.43 12.42
C ASN A 321 21.48 -3.96 13.45
N ALA A 322 21.01 -3.60 14.64
CA ALA A 322 21.89 -3.11 15.68
C ALA A 322 22.87 -4.18 16.13
N VAL A 323 22.40 -5.41 16.32
CA VAL A 323 23.33 -6.48 16.69
C VAL A 323 24.33 -6.73 15.57
N GLN A 324 23.87 -6.62 14.32
CA GLN A 324 24.78 -6.83 13.19
C GLN A 324 25.85 -5.76 13.11
N ILE A 325 25.55 -4.52 13.54
CA ILE A 325 26.59 -3.49 13.59
C ILE A 325 27.70 -3.92 14.55
N ALA A 326 27.30 -4.37 15.73
CA ALA A 326 28.25 -4.88 16.71
C ALA A 326 29.04 -6.08 16.16
N GLU A 327 28.35 -6.98 15.44
CA GLU A 327 29.04 -8.13 14.86
C GLU A 327 30.06 -7.68 13.82
N TYR A 328 29.68 -6.72 12.98
CA TYR A 328 30.61 -6.19 11.98
C TYR A 328 31.88 -5.69 12.64
N LEU A 329 31.73 -4.85 13.67
CA LEU A 329 32.89 -4.32 14.37
C LEU A 329 33.76 -5.44 14.94
N ILE A 330 33.14 -6.43 15.58
CA ILE A 330 33.91 -7.52 16.17
C ILE A 330 34.72 -8.24 15.09
N ALA A 331 34.11 -8.48 13.93
CA ALA A 331 34.84 -9.15 12.86
C ALA A 331 36.01 -8.32 12.35
N LYS A 332 35.96 -7.01 12.49
CA LYS A 332 37.06 -6.15 12.07
C LYS A 332 38.11 -5.93 13.15
N GLY A 333 38.02 -6.65 14.27
CA GLY A 333 38.98 -6.53 15.37
C GLY A 333 38.75 -5.36 16.29
N HIS A 334 37.62 -4.65 16.14
CA HIS A 334 37.40 -3.38 16.83
C HIS A 334 37.49 -3.49 18.35
N PHE A 335 37.29 -4.68 18.92
CA PHE A 335 37.32 -4.83 20.37
C PHE A 335 38.41 -5.80 20.82
N MET B 1 -37.70 5.42 -20.31
CA MET B 1 -36.66 4.44 -20.65
C MET B 1 -36.93 3.05 -20.09
N LYS B 2 -36.70 2.04 -20.93
CA LYS B 2 -36.76 0.65 -20.49
C LYS B 2 -35.33 0.18 -20.29
N ILE B 3 -35.09 -0.42 -19.13
CA ILE B 3 -33.73 -0.66 -18.64
C ILE B 3 -33.60 -2.13 -18.28
N ALA B 4 -32.45 -2.70 -18.62
CA ALA B 4 -32.12 -4.04 -18.17
C ALA B 4 -30.89 -4.00 -17.27
N ILE B 5 -30.87 -4.87 -16.28
CA ILE B 5 -29.67 -5.18 -15.49
C ILE B 5 -29.35 -6.64 -15.76
N VAL B 6 -28.19 -6.90 -16.35
CA VAL B 6 -27.75 -8.26 -16.64
C VAL B 6 -26.71 -8.65 -15.60
N GLY B 7 -27.06 -9.59 -14.73
CA GLY B 7 -26.17 -9.96 -13.65
C GLY B 7 -26.55 -9.19 -12.40
N VAL B 8 -27.78 -9.38 -11.94
CA VAL B 8 -28.29 -8.56 -10.84
C VAL B 8 -27.92 -9.09 -9.47
N SER B 9 -27.53 -10.37 -9.34
CA SER B 9 -27.41 -11.06 -8.07
C SER B 9 -26.24 -10.57 -7.22
N GLY B 10 -25.15 -10.17 -7.89
CA GLY B 10 -23.89 -9.89 -7.24
C GLY B 10 -23.77 -8.46 -6.73
N ALA B 11 -22.57 -8.12 -6.26
CA ALA B 11 -22.40 -6.83 -5.60
C ALA B 11 -22.69 -5.67 -6.54
N VAL B 12 -22.14 -5.72 -7.76
CA VAL B 12 -22.35 -4.62 -8.69
C VAL B 12 -23.79 -4.58 -9.17
N GLY B 13 -24.38 -5.76 -9.44
CA GLY B 13 -25.78 -5.77 -9.84
C GLY B 13 -26.69 -5.15 -8.79
N GLN B 14 -26.46 -5.47 -7.53
CA GLN B 14 -27.24 -4.87 -6.45
C GLN B 14 -27.00 -3.37 -6.34
N GLU B 15 -25.77 -2.93 -6.58
CA GLU B 15 -25.52 -1.48 -6.57
C GLU B 15 -26.24 -0.78 -7.72
N PHE B 16 -26.37 -1.44 -8.87
CA PHE B 16 -27.14 -0.83 -9.96
C PHE B 16 -28.56 -0.52 -9.49
N LEU B 17 -29.16 -1.45 -8.74
CA LEU B 17 -30.54 -1.22 -8.28
C LEU B 17 -30.54 -0.02 -7.33
N ARG B 18 -29.57 0.06 -6.44
CA ARG B 18 -29.51 1.20 -5.48
C ARG B 18 -29.30 2.53 -6.21
N VAL B 19 -28.26 2.61 -7.03
CA VAL B 19 -27.89 3.85 -7.74
C VAL B 19 -29.04 4.33 -8.63
N LEU B 20 -29.65 3.43 -9.38
CA LEU B 20 -30.72 3.86 -10.28
C LEU B 20 -31.87 4.48 -9.51
N SER B 21 -32.09 4.05 -8.27
CA SER B 21 -33.14 4.64 -7.45
C SER B 21 -32.66 5.93 -6.78
N GLN B 22 -31.44 5.92 -6.22
CA GLN B 22 -30.94 7.12 -5.56
C GLN B 22 -30.90 8.31 -6.51
N ARG B 23 -30.55 8.07 -7.78
CA ARG B 23 -30.37 9.14 -8.76
C ARG B 23 -31.62 9.41 -9.59
N ASP B 24 -32.75 8.79 -9.25
CA ASP B 24 -34.01 9.04 -9.98
C ASP B 24 -33.82 8.89 -11.48
N PHE B 25 -33.05 7.88 -11.88
CA PHE B 25 -32.89 7.61 -13.30
C PHE B 25 -34.26 7.36 -13.92
N PRO B 26 -34.53 7.90 -15.11
CA PRO B 26 -35.89 7.81 -15.68
C PRO B 26 -36.24 6.42 -16.22
N ILE B 27 -37.03 5.64 -15.48
CA ILE B 27 -37.30 4.27 -15.84
C ILE B 27 -38.81 4.07 -16.01
N ASP B 28 -39.20 3.53 -17.18
CA ASP B 28 -40.60 3.15 -17.32
C ASP B 28 -40.79 1.65 -17.24
N GLY B 29 -39.74 0.85 -17.37
CA GLY B 29 -39.82 -0.58 -17.21
C GLY B 29 -38.43 -1.10 -16.88
N LEU B 30 -38.39 -2.15 -16.06
CA LEU B 30 -37.14 -2.70 -15.57
C LEU B 30 -37.15 -4.20 -15.82
N TYR B 31 -36.05 -4.71 -16.35
CA TYR B 31 -35.93 -6.12 -16.69
C TYR B 31 -34.63 -6.66 -16.10
N LEU B 32 -34.74 -7.70 -15.26
CA LEU B 32 -33.59 -8.27 -14.58
C LEU B 32 -33.23 -9.61 -15.20
N PHE B 33 -31.94 -9.84 -15.40
CA PHE B 33 -31.46 -11.07 -16.00
C PHE B 33 -30.30 -11.64 -15.20
N GLY B 34 -30.19 -12.95 -15.24
CA GLY B 34 -29.09 -13.65 -14.58
C GLY B 34 -28.86 -14.98 -15.25
N SER B 35 -27.99 -15.79 -14.66
CA SER B 35 -27.83 -17.16 -15.09
C SER B 35 -29.00 -18.01 -14.59
N SER B 36 -29.00 -19.30 -14.96
CA SER B 36 -30.01 -20.19 -14.41
C SER B 36 -30.01 -20.16 -12.88
N ARG B 37 -28.91 -19.75 -12.25
CA ARG B 37 -28.81 -19.71 -10.80
C ARG B 37 -29.72 -18.65 -10.19
N SER B 38 -29.81 -17.48 -10.80
CA SER B 38 -30.69 -16.46 -10.19
C SER B 38 -32.05 -16.38 -10.87
N ALA B 39 -32.27 -17.12 -11.97
CA ALA B 39 -33.60 -17.13 -12.57
C ALA B 39 -34.64 -17.49 -11.51
N GLY B 40 -35.73 -16.72 -11.47
CA GLY B 40 -36.80 -16.94 -10.52
C GLY B 40 -36.66 -16.19 -9.21
N SER B 41 -35.50 -15.62 -8.92
CA SER B 41 -35.35 -14.85 -7.69
C SER B 41 -36.12 -13.54 -7.81
N VAL B 42 -36.48 -12.98 -6.65
CA VAL B 42 -37.33 -11.80 -6.57
C VAL B 42 -36.52 -10.64 -6.02
N TYR B 43 -36.71 -9.46 -6.60
CA TYR B 43 -36.13 -8.22 -6.09
C TYR B 43 -37.18 -7.13 -6.09
N SER B 44 -37.07 -6.21 -5.14
CA SER B 44 -37.96 -5.07 -5.22
C SER B 44 -37.18 -3.84 -5.65
N PHE B 45 -37.88 -3.02 -6.44
CA PHE B 45 -37.33 -1.77 -6.95
C PHE B 45 -38.44 -0.73 -6.95
N LYS B 46 -38.23 0.37 -6.24
CA LYS B 46 -39.19 1.48 -6.19
C LYS B 46 -40.63 0.98 -6.04
N GLY B 47 -40.85 0.10 -5.07
CA GLY B 47 -42.18 -0.29 -4.68
C GLY B 47 -42.76 -1.48 -5.42
N LYS B 48 -42.20 -1.85 -6.58
CA LYS B 48 -42.66 -3.00 -7.32
C LYS B 48 -41.65 -4.15 -7.19
N GLU B 49 -42.14 -5.39 -7.31
CA GLU B 49 -41.26 -6.54 -7.25
C GLU B 49 -41.05 -7.10 -8.66
N TYR B 50 -39.81 -7.55 -8.92
CA TYR B 50 -39.39 -8.02 -10.22
C TYR B 50 -38.79 -9.42 -10.09
N VAL B 51 -38.94 -10.23 -11.13
CA VAL B 51 -38.47 -11.60 -11.14
C VAL B 51 -37.37 -11.73 -12.19
N VAL B 52 -36.25 -12.35 -11.81
CA VAL B 52 -35.10 -12.48 -12.69
C VAL B 52 -35.38 -13.54 -13.74
N ARG B 53 -35.05 -13.22 -14.99
CA ARG B 53 -35.15 -14.19 -16.09
C ARG B 53 -33.76 -14.66 -16.48
N GLU B 54 -33.65 -15.94 -16.80
CA GLU B 54 -32.39 -16.47 -17.30
C GLU B 54 -32.07 -15.82 -18.64
N LEU B 55 -30.84 -15.32 -18.76
CA LEU B 55 -30.34 -14.79 -20.01
C LEU B 55 -30.20 -15.88 -21.07
N LYS B 56 -30.98 -15.78 -22.14
CA LYS B 56 -30.99 -16.76 -23.22
C LYS B 56 -30.77 -16.03 -24.54
N ASP B 57 -30.30 -16.77 -25.53
CA ASP B 57 -30.06 -16.16 -26.86
C ASP B 57 -31.39 -16.02 -27.61
N ASN B 58 -32.19 -15.03 -27.20
CA ASN B 58 -33.54 -14.81 -27.77
C ASN B 58 -33.81 -13.34 -28.06
N ASP B 59 -35.08 -12.94 -27.98
CA ASP B 59 -35.47 -11.55 -28.30
C ASP B 59 -35.92 -10.80 -27.03
N ASP B 60 -35.44 -11.22 -25.87
CA ASP B 60 -35.87 -10.56 -24.65
C ASP B 60 -35.45 -9.08 -24.59
N PHE B 61 -34.52 -8.65 -25.43
CA PHE B 61 -34.07 -7.26 -25.34
C PHE B 61 -34.77 -6.36 -26.36
N LYS B 62 -35.73 -6.88 -27.11
CA LYS B 62 -36.56 -6.01 -27.93
C LYS B 62 -37.22 -4.95 -27.06
N GLY B 63 -37.08 -3.68 -27.47
CA GLY B 63 -37.70 -2.60 -26.76
C GLY B 63 -36.94 -2.09 -25.55
N ILE B 64 -35.84 -2.72 -25.18
CA ILE B 64 -35.03 -2.24 -24.07
C ILE B 64 -34.04 -1.21 -24.59
N ASP B 65 -33.98 -0.07 -23.90
CA ASP B 65 -33.16 1.06 -24.35
C ASP B 65 -31.70 0.89 -23.96
N ILE B 66 -31.45 0.57 -22.70
CA ILE B 66 -30.09 0.37 -22.18
C ILE B 66 -30.06 -0.92 -21.36
N ALA B 67 -28.98 -1.69 -21.53
CA ALA B 67 -28.69 -2.85 -20.70
C ALA B 67 -27.41 -2.60 -19.92
N PHE B 68 -27.52 -2.51 -18.61
CA PHE B 68 -26.37 -2.42 -17.72
C PHE B 68 -25.92 -3.84 -17.40
N CYS B 69 -24.68 -4.19 -17.77
CA CYS B 69 -24.23 -5.57 -17.67
C CYS B 69 -23.10 -5.68 -16.66
N SER B 70 -23.30 -6.54 -15.65
CA SER B 70 -22.26 -6.81 -14.66
C SER B 70 -22.19 -8.32 -14.42
N ALA B 71 -21.97 -9.08 -15.48
CA ALA B 71 -22.06 -10.54 -15.44
C ALA B 71 -20.77 -11.26 -15.85
N GLY B 72 -19.65 -10.58 -15.92
CA GLY B 72 -18.46 -11.31 -16.32
C GLY B 72 -18.21 -11.26 -17.82
N GLY B 73 -16.93 -11.21 -18.19
CA GLY B 73 -16.57 -11.06 -19.60
C GLY B 73 -17.01 -12.21 -20.47
N ASP B 74 -17.04 -13.43 -19.91
CA ASP B 74 -17.54 -14.59 -20.65
C ASP B 74 -18.99 -14.37 -21.06
N THR B 75 -19.81 -13.89 -20.12
CA THR B 75 -21.21 -13.62 -20.44
C THR B 75 -21.31 -12.51 -21.47
N SER B 76 -20.53 -11.44 -21.29
CA SER B 76 -20.70 -10.33 -22.21
C SER B 76 -20.25 -10.71 -23.61
N ILE B 77 -19.17 -11.48 -23.77
CA ILE B 77 -18.78 -11.94 -25.10
C ILE B 77 -19.84 -12.86 -25.69
N ALA B 78 -20.31 -13.83 -24.92
CA ALA B 78 -21.25 -14.82 -25.44
C ALA B 78 -22.60 -14.20 -25.78
N PHE B 79 -23.03 -13.16 -25.06
CA PHE B 79 -24.39 -12.66 -25.20
C PHE B 79 -24.45 -11.23 -25.75
N ALA B 80 -23.33 -10.62 -26.12
CA ALA B 80 -23.39 -9.28 -26.69
C ALA B 80 -24.35 -9.22 -27.87
N ASP B 81 -24.31 -10.24 -28.75
CA ASP B 81 -25.18 -10.21 -29.93
C ASP B 81 -26.64 -10.25 -29.54
N THR B 82 -26.96 -11.01 -28.50
CA THR B 82 -28.33 -11.06 -27.98
C THR B 82 -28.76 -9.71 -27.42
N ILE B 83 -27.93 -9.13 -26.55
CA ILE B 83 -28.32 -7.93 -25.83
C ILE B 83 -28.52 -6.76 -26.79
N THR B 84 -27.71 -6.70 -27.86
CA THR B 84 -27.76 -5.62 -28.82
C THR B 84 -28.59 -5.94 -30.05
N ARG B 85 -29.27 -7.10 -30.08
CA ARG B 85 -29.92 -7.56 -31.31
C ARG B 85 -30.97 -6.58 -31.81
N HIS B 86 -31.70 -5.95 -30.90
CA HIS B 86 -32.79 -5.06 -31.26
C HIS B 86 -32.45 -3.60 -30.98
N GLY B 87 -31.16 -3.25 -31.04
CA GLY B 87 -30.75 -1.87 -30.90
C GLY B 87 -30.53 -1.37 -29.49
N THR B 88 -30.60 -2.25 -28.50
CA THR B 88 -30.29 -1.87 -27.14
C THR B 88 -28.83 -1.44 -27.03
N LEU B 89 -28.58 -0.40 -26.24
CA LEU B 89 -27.22 0.02 -25.95
C LEU B 89 -26.69 -0.79 -24.77
N MET B 90 -25.61 -1.54 -25.00
CA MET B 90 -25.02 -2.36 -23.95
C MET B 90 -23.91 -1.54 -23.28
N ILE B 91 -24.08 -1.26 -21.99
CA ILE B 91 -23.04 -0.62 -21.20
C ILE B 91 -22.44 -1.70 -20.32
N ASP B 92 -21.22 -2.11 -20.64
CA ASP B 92 -20.66 -3.35 -20.14
C ASP B 92 -19.60 -3.10 -19.07
N ASN B 93 -19.85 -3.60 -17.86
CA ASN B 93 -18.85 -3.49 -16.80
C ASN B 93 -17.69 -4.46 -16.93
N SER B 94 -17.74 -5.43 -17.85
CA SER B 94 -16.72 -6.48 -17.95
C SER B 94 -15.46 -5.97 -18.65
N SER B 95 -14.42 -6.80 -18.65
CA SER B 95 -13.21 -6.47 -19.38
C SER B 95 -13.25 -6.90 -20.84
N ALA B 96 -14.38 -7.45 -21.30
CA ALA B 96 -14.39 -8.15 -22.58
C ALA B 96 -14.03 -7.23 -23.74
N PHE B 97 -14.55 -6.00 -23.77
CA PHE B 97 -14.43 -5.18 -24.96
C PHE B 97 -13.54 -3.97 -24.77
N ARG B 98 -12.76 -3.93 -23.69
CA ARG B 98 -12.12 -2.67 -23.32
C ARG B 98 -11.02 -2.28 -24.29
N MET B 99 -10.46 -3.23 -25.02
CA MET B 99 -9.37 -2.94 -25.94
C MET B 99 -9.82 -2.88 -27.39
N GLN B 100 -11.12 -3.01 -27.65
CA GLN B 100 -11.64 -2.96 -29.03
C GLN B 100 -11.78 -1.51 -29.49
N GLU B 101 -11.15 -1.20 -30.61
CA GLU B 101 -11.14 0.18 -31.17
C GLU B 101 -12.56 0.67 -31.46
N ASP B 102 -13.47 -0.22 -31.83
CA ASP B 102 -14.85 0.21 -32.19
C ASP B 102 -15.78 0.19 -30.97
N VAL B 103 -15.23 0.04 -29.77
CA VAL B 103 -16.12 0.02 -28.59
C VAL B 103 -15.53 1.06 -27.71
N PRO B 104 -16.20 2.29 -27.32
CA PRO B 104 -15.62 3.37 -26.49
C PRO B 104 -15.44 2.90 -25.06
N LEU B 105 -14.40 3.44 -24.42
CA LEU B 105 -14.03 3.12 -23.04
C LEU B 105 -14.11 4.43 -22.27
N VAL B 106 -15.12 4.59 -21.42
CA VAL B 106 -15.57 5.93 -21.09
C VAL B 106 -15.62 6.16 -19.59
N VAL B 107 -15.04 7.29 -19.17
CA VAL B 107 -15.29 7.89 -17.87
C VAL B 107 -15.88 9.27 -18.16
N PRO B 108 -17.12 9.55 -17.77
CA PRO B 108 -17.81 10.77 -18.27
C PRO B 108 -17.08 12.05 -17.95
N GLU B 109 -16.38 12.14 -16.81
CA GLU B 109 -15.67 13.36 -16.46
C GLU B 109 -14.44 13.59 -17.32
N VAL B 110 -13.97 12.58 -18.04
CA VAL B 110 -12.73 12.64 -18.79
C VAL B 110 -13.00 12.66 -20.29
N ASN B 111 -13.76 11.70 -20.80
CA ASN B 111 -13.95 11.51 -22.24
C ASN B 111 -15.38 11.15 -22.56
N GLY B 112 -16.33 11.81 -21.92
CA GLY B 112 -17.73 11.47 -22.11
C GLY B 112 -18.19 11.50 -23.56
N ASP B 113 -17.60 12.37 -24.37
CA ASP B 113 -18.05 12.47 -25.77
C ASP B 113 -17.75 11.19 -26.55
N ASP B 114 -16.73 10.43 -26.14
CA ASP B 114 -16.47 9.15 -26.81
C ASP B 114 -17.69 8.25 -26.79
N ALA B 115 -18.57 8.44 -25.80
CA ALA B 115 -19.74 7.59 -25.66
C ALA B 115 -20.73 7.76 -26.80
N LEU B 116 -20.65 8.88 -27.53
CA LEU B 116 -21.64 9.19 -28.56
C LEU B 116 -21.49 8.37 -29.82
N VAL B 117 -20.38 7.67 -30.02
CA VAL B 117 -20.20 6.85 -31.21
C VAL B 117 -19.89 5.42 -30.75
N HIS B 118 -20.79 4.52 -31.10
CA HIS B 118 -20.71 3.13 -30.65
C HIS B 118 -21.16 2.20 -31.77
N PRO B 119 -20.26 1.90 -32.72
CA PRO B 119 -20.67 1.12 -33.90
C PRO B 119 -21.29 -0.22 -33.57
N ARG B 120 -20.87 -0.83 -32.47
CA ARG B 120 -21.39 -2.14 -32.08
C ARG B 120 -22.50 -2.02 -31.05
N ASN B 121 -22.93 -0.80 -30.74
CA ASN B 121 -23.90 -0.52 -29.67
C ASN B 121 -23.44 -1.09 -28.34
N ILE B 122 -22.13 -1.07 -28.12
CA ILE B 122 -21.51 -1.42 -26.84
C ILE B 122 -20.65 -0.24 -26.40
N ILE B 123 -20.70 0.07 -25.10
CA ILE B 123 -19.78 0.99 -24.45
C ILE B 123 -19.18 0.27 -23.25
N SER B 124 -17.87 0.39 -23.07
CA SER B 124 -17.16 -0.34 -22.00
C SER B 124 -16.93 0.56 -20.80
N ASN B 125 -17.32 0.06 -19.64
CA ASN B 125 -16.98 0.64 -18.34
C ASN B 125 -15.56 0.25 -17.98
N PRO B 126 -14.66 1.19 -17.68
CA PRO B 126 -13.25 0.78 -17.46
C PRO B 126 -13.04 0.04 -16.16
N ASN B 127 -11.81 -0.45 -15.97
CA ASN B 127 -11.37 -1.09 -14.73
C ASN B 127 -11.58 -0.15 -13.54
N CYS B 128 -11.98 -0.69 -12.40
CA CYS B 128 -12.32 0.11 -11.22
C CYS B 128 -11.17 1.04 -10.82
N THR B 129 -9.97 0.49 -10.72
CA THR B 129 -8.86 1.30 -10.24
C THR B 129 -8.43 2.32 -11.29
N THR B 130 -8.65 2.01 -12.56
CA THR B 130 -8.39 2.99 -13.62
C THR B 130 -9.37 4.16 -13.57
N ILE B 131 -10.67 3.88 -13.39
CA ILE B 131 -11.63 4.97 -13.24
C ILE B 131 -11.19 5.92 -12.15
N GLN B 132 -10.89 5.35 -10.98
CA GLN B 132 -10.45 6.15 -9.84
C GLN B 132 -9.28 7.04 -10.21
N MET B 133 -8.25 6.45 -10.82
CA MET B 133 -7.04 7.20 -11.14
C MET B 133 -7.31 8.31 -12.16
N VAL B 134 -8.06 8.03 -13.24
CA VAL B 134 -8.17 9.06 -14.29
C VAL B 134 -9.09 10.19 -13.87
N VAL B 135 -10.05 9.95 -12.97
CA VAL B 135 -10.84 11.05 -12.42
C VAL B 135 -9.94 12.04 -11.71
N ALA B 136 -8.94 11.52 -10.96
CA ALA B 136 -8.00 12.41 -10.28
C ALA B 136 -6.99 13.00 -11.26
N LEU B 137 -6.57 12.26 -12.28
CA LEU B 137 -5.53 12.73 -13.19
C LEU B 137 -6.05 13.83 -14.12
N LYS B 138 -7.32 13.75 -14.53
CA LYS B 138 -7.85 14.69 -15.53
C LYS B 138 -7.61 16.16 -15.16
N PRO B 139 -7.95 16.63 -13.95
CA PRO B 139 -7.69 18.06 -13.65
C PRO B 139 -6.22 18.42 -13.66
N ILE B 140 -5.33 17.47 -13.35
CA ILE B 140 -3.89 17.71 -13.44
C ILE B 140 -3.47 17.81 -14.91
N GLU B 141 -3.93 16.86 -15.73
CA GLU B 141 -3.61 16.86 -17.16
C GLU B 141 -3.97 18.20 -17.79
N ASP B 142 -5.09 18.78 -17.38
CA ASP B 142 -5.50 20.06 -17.94
C ASP B 142 -4.59 21.21 -17.51
N LEU B 143 -3.81 21.04 -16.43
CA LEU B 143 -2.80 22.04 -16.09
C LEU B 143 -1.51 21.83 -16.88
N SER B 144 -1.06 20.57 -17.01
CA SER B 144 0.16 20.25 -17.70
C SER B 144 0.11 18.78 -18.12
N HIS B 145 0.53 18.49 -19.35
CA HIS B 145 0.45 17.12 -19.86
C HIS B 145 1.20 16.15 -18.95
N ILE B 146 0.55 15.05 -18.59
CA ILE B 146 1.17 14.03 -17.74
C ILE B 146 1.90 13.03 -18.63
N ARG B 147 3.20 12.90 -18.40
CA ARG B 147 4.06 11.98 -19.14
C ARG B 147 4.15 10.60 -18.49
N ARG B 148 4.25 10.56 -17.17
CA ARG B 148 4.52 9.31 -16.47
C ARG B 148 3.74 9.24 -15.18
N VAL B 149 3.34 8.03 -14.81
CA VAL B 149 2.69 7.78 -13.52
C VAL B 149 3.29 6.54 -12.89
N HIS B 150 3.64 6.65 -11.61
CA HIS B 150 3.86 5.51 -10.75
C HIS B 150 2.71 5.42 -9.76
N VAL B 151 2.11 4.24 -9.63
CA VAL B 151 0.99 4.08 -8.73
C VAL B 151 1.11 2.77 -7.97
N ALA B 152 0.98 2.84 -6.64
CA ALA B 152 0.83 1.65 -5.80
C ALA B 152 -0.61 1.61 -5.34
N THR B 153 -1.30 0.50 -5.61
CA THR B 153 -2.69 0.41 -5.19
C THR B 153 -2.80 -0.41 -3.93
N TYR B 154 -3.91 -0.18 -3.20
CA TYR B 154 -4.26 -0.85 -1.94
C TYR B 154 -5.71 -1.25 -2.17
N GLN B 155 -5.93 -2.43 -2.74
CA GLN B 155 -7.25 -2.78 -3.28
C GLN B 155 -8.03 -3.68 -2.32
N ALA B 156 -9.29 -3.34 -2.17
CA ALA B 156 -10.19 -3.98 -1.21
C ALA B 156 -10.56 -5.40 -1.63
N ALA B 157 -10.93 -6.19 -0.63
CA ALA B 157 -11.47 -7.53 -0.84
C ALA B 157 -12.61 -7.56 -1.85
N SER B 158 -13.39 -6.47 -1.92
CA SER B 158 -14.52 -6.38 -2.84
C SER B 158 -14.11 -6.56 -4.30
N GLY B 159 -12.86 -6.25 -4.65
CA GLY B 159 -12.39 -6.46 -6.01
C GLY B 159 -12.53 -7.89 -6.47
N ALA B 160 -12.54 -8.83 -5.51
CA ALA B 160 -12.82 -10.23 -5.80
C ALA B 160 -14.29 -10.59 -5.61
N GLY B 161 -15.19 -9.61 -5.74
CA GLY B 161 -16.61 -9.84 -5.60
C GLY B 161 -17.04 -10.09 -4.17
N ALA B 162 -18.35 -10.37 -4.01
CA ALA B 162 -18.91 -10.61 -2.69
C ALA B 162 -18.21 -11.79 -2.00
N LEU B 163 -17.84 -12.82 -2.76
CA LEU B 163 -17.18 -13.96 -2.15
C LEU B 163 -15.82 -13.57 -1.56
N GLY B 164 -15.14 -12.62 -2.19
CA GLY B 164 -13.92 -12.10 -1.60
C GLY B 164 -14.18 -11.36 -0.31
N MET B 165 -15.24 -10.54 -0.28
CA MET B 165 -15.62 -9.85 0.94
C MET B 165 -15.95 -10.85 2.05
N ALA B 166 -16.71 -11.89 1.70
CA ALA B 166 -17.11 -12.89 2.69
C ALA B 166 -15.90 -13.63 3.25
N GLU B 167 -14.92 -13.96 2.40
CA GLU B 167 -13.75 -14.66 2.91
C GLU B 167 -13.03 -13.80 3.96
N LEU B 168 -12.89 -12.51 3.71
CA LEU B 168 -12.20 -11.65 4.66
C LEU B 168 -12.92 -11.63 5.99
N VAL B 169 -14.23 -11.40 5.98
CA VAL B 169 -14.93 -11.23 7.24
C VAL B 169 -14.87 -12.53 8.06
N GLN B 170 -14.99 -13.68 7.39
CA GLN B 170 -14.93 -14.93 8.13
C GLN B 170 -13.56 -15.14 8.74
N GLN B 171 -12.51 -14.81 8.00
CA GLN B 171 -11.16 -14.88 8.55
C GLN B 171 -11.04 -14.06 9.83
N VAL B 172 -11.68 -12.88 9.86
CA VAL B 172 -11.70 -12.08 11.08
C VAL B 172 -12.34 -12.86 12.22
N GLU B 173 -13.47 -13.52 11.92
CA GLU B 173 -14.12 -14.30 12.97
C GLU B 173 -13.22 -15.43 13.44
N GLU B 174 -12.52 -16.10 12.52
CA GLU B 174 -11.70 -17.24 12.91
C GLU B 174 -10.45 -16.81 13.69
N LEU B 175 -9.98 -15.57 13.46
CA LEU B 175 -8.79 -15.10 14.17
C LEU B 175 -9.12 -14.67 15.59
N ALA B 176 -10.20 -13.91 15.79
CA ALA B 176 -10.62 -13.54 17.14
C ALA B 176 -11.02 -14.77 17.94
N ARG B 177 -11.30 -15.89 17.28
CA ARG B 177 -11.68 -17.13 17.95
C ARG B 177 -10.56 -18.16 17.95
N GLY B 178 -9.32 -17.73 17.75
CA GLY B 178 -8.19 -18.65 17.77
C GLY B 178 -8.27 -19.79 16.78
N GLU B 179 -9.06 -19.67 15.72
CA GLU B 179 -9.31 -20.76 14.80
C GLU B 179 -8.33 -20.72 13.61
N LYS B 180 -8.57 -21.62 12.65
CA LYS B 180 -7.81 -21.79 11.41
C LYS B 180 -8.36 -20.85 10.34
N PRO B 181 -7.69 -19.80 9.87
CA PRO B 181 -8.24 -19.01 8.76
C PRO B 181 -8.42 -19.85 7.50
N THR B 182 -9.59 -19.72 6.89
CA THR B 182 -9.95 -20.44 5.67
C THR B 182 -9.54 -19.65 4.44
N VAL B 183 -8.83 -20.30 3.50
CA VAL B 183 -8.28 -19.61 2.29
C VAL B 183 -8.77 -20.26 1.01
N ASP B 184 -9.42 -19.47 0.15
CA ASP B 184 -9.98 -20.04 -1.07
C ASP B 184 -10.11 -18.99 -2.17
N LYS B 185 -10.88 -17.94 -1.94
CA LYS B 185 -11.09 -16.90 -2.97
C LYS B 185 -9.79 -16.14 -3.24
N PHE B 186 -8.90 -16.05 -2.24
CA PHE B 186 -7.58 -15.42 -2.48
C PHE B 186 -6.50 -16.51 -2.48
N ALA B 187 -5.36 -16.18 -3.07
CA ALA B 187 -4.28 -17.14 -3.20
C ALA B 187 -3.60 -17.43 -1.87
N TYR B 188 -3.74 -16.52 -0.91
CA TYR B 188 -3.16 -16.62 0.42
C TYR B 188 -4.13 -15.99 1.41
N GLN B 189 -3.89 -16.23 2.69
CA GLN B 189 -4.63 -15.55 3.72
C GLN B 189 -4.55 -14.05 3.51
N LEU B 190 -5.69 -13.35 3.59
CA LEU B 190 -5.70 -11.90 3.41
C LEU B 190 -5.65 -11.14 4.73
N MET B 191 -6.42 -11.59 5.75
CA MET B 191 -6.32 -10.94 7.05
C MET B 191 -4.87 -10.89 7.53
N TYR B 192 -4.45 -9.74 8.04
CA TYR B 192 -3.10 -9.57 8.57
C TYR B 192 -2.04 -9.75 7.50
N ASN B 193 -2.39 -9.53 6.23
CA ASN B 193 -1.49 -9.81 5.13
C ASN B 193 -1.73 -8.80 4.01
N LEU B 194 -0.84 -8.84 3.01
CA LEU B 194 -0.95 -8.10 1.76
C LEU B 194 -0.54 -9.07 0.66
N ILE B 195 -1.33 -9.12 -0.42
CA ILE B 195 -1.01 -10.00 -1.54
C ILE B 195 -0.67 -9.14 -2.75
N PRO B 196 0.60 -9.06 -3.14
CA PRO B 196 1.00 -8.24 -4.28
C PRO B 196 0.73 -8.92 -5.62
N GLN B 197 -0.48 -9.47 -5.76
CA GLN B 197 -0.91 -10.00 -7.04
C GLN B 197 -2.41 -9.83 -7.18
N ILE B 198 -2.84 -9.13 -8.22
CA ILE B 198 -4.26 -9.02 -8.54
C ILE B 198 -4.45 -9.44 -10.00
N ASP B 199 -5.22 -10.52 -10.21
CA ASP B 199 -5.39 -11.16 -11.51
C ASP B 199 -4.12 -11.89 -11.95
N VAL B 200 -4.19 -12.56 -13.11
CA VAL B 200 -3.10 -13.44 -13.52
C VAL B 200 -1.94 -12.63 -14.08
N PHE B 201 -0.77 -13.25 -14.10
CA PHE B 201 0.42 -12.61 -14.61
C PHE B 201 0.41 -12.62 -16.13
N THR B 202 1.04 -11.61 -16.71
CA THR B 202 1.26 -11.51 -18.15
C THR B 202 2.74 -11.71 -18.47
N ASP B 203 3.07 -11.63 -19.76
CA ASP B 203 4.44 -12.04 -20.11
C ASP B 203 5.50 -11.02 -19.75
N ASN B 204 5.16 -9.79 -19.34
CA ASN B 204 6.18 -8.87 -18.86
C ASN B 204 6.25 -8.85 -17.34
N ASP B 205 5.61 -9.81 -16.68
CA ASP B 205 5.59 -10.02 -15.24
C ASP B 205 4.79 -8.96 -14.51
N TYR B 206 4.12 -8.05 -15.21
CA TYR B 206 3.02 -7.30 -14.62
C TYR B 206 1.78 -8.19 -14.61
N THR B 207 0.86 -7.93 -13.68
CA THR B 207 -0.40 -8.67 -13.72
C THR B 207 -1.38 -8.01 -14.69
N LYS B 208 -2.45 -8.74 -15.02
CA LYS B 208 -3.45 -8.17 -15.92
C LYS B 208 -4.04 -6.89 -15.35
N GLU B 209 -4.21 -6.82 -14.01
CA GLU B 209 -4.73 -5.61 -13.37
C GLU B 209 -3.78 -4.44 -13.57
N GLU B 210 -2.48 -4.69 -13.40
CA GLU B 210 -1.50 -3.64 -13.61
C GLU B 210 -1.45 -3.22 -15.08
N MET B 211 -1.61 -4.17 -16.00
CA MET B 211 -1.59 -3.80 -17.41
C MET B 211 -2.85 -3.06 -17.81
N LYS B 212 -3.97 -3.29 -17.11
CA LYS B 212 -5.17 -2.51 -17.38
C LYS B 212 -4.92 -1.04 -17.09
N MET B 213 -4.24 -0.76 -15.97
CA MET B 213 -3.97 0.65 -15.64
C MET B 213 -3.04 1.28 -16.66
N TYR B 214 -2.22 0.49 -17.34
CA TYR B 214 -1.36 1.01 -18.39
C TYR B 214 -2.16 1.26 -19.66
N ARG B 215 -2.92 0.25 -20.13
CA ARG B 215 -3.55 0.30 -21.46
C ARG B 215 -4.84 1.12 -21.45
N GLU B 216 -5.66 0.97 -20.41
CA GLU B 216 -6.96 1.63 -20.40
C GLU B 216 -6.78 3.14 -20.23
N THR B 217 -5.80 3.55 -19.43
CA THR B 217 -5.58 4.98 -19.20
C THR B 217 -5.25 5.72 -20.49
N LYS B 218 -4.43 5.11 -21.35
CA LYS B 218 -4.11 5.75 -22.62
C LYS B 218 -5.38 5.98 -23.45
N ARG B 219 -6.24 4.98 -23.55
CA ARG B 219 -7.46 5.13 -24.34
C ARG B 219 -8.36 6.24 -23.78
N ILE B 220 -8.60 6.22 -22.46
CA ILE B 220 -9.54 7.16 -21.85
C ILE B 220 -9.03 8.58 -21.97
N MET B 221 -7.75 8.79 -21.74
CA MET B 221 -7.20 10.12 -21.72
C MET B 221 -6.72 10.57 -23.08
N HIS B 222 -6.86 9.73 -24.11
CA HIS B 222 -6.32 10.05 -25.43
C HIS B 222 -4.89 10.58 -25.30
N SER B 223 -4.04 9.77 -24.71
CA SER B 223 -2.75 10.26 -24.25
C SER B 223 -1.67 9.20 -24.46
N ASP B 224 -0.42 9.66 -24.52
CA ASP B 224 0.73 8.77 -24.55
C ASP B 224 1.29 8.52 -23.15
N VAL B 225 0.56 8.94 -22.10
CA VAL B 225 0.99 8.71 -20.74
C VAL B 225 1.35 7.25 -20.53
N MET B 226 2.38 7.02 -19.72
CA MET B 226 2.82 5.68 -19.38
C MET B 226 2.64 5.48 -17.88
N VAL B 227 1.83 4.50 -17.49
CA VAL B 227 1.50 4.21 -16.10
C VAL B 227 2.15 2.89 -15.72
N SER B 228 2.92 2.90 -14.64
CA SER B 228 3.50 1.68 -14.09
C SER B 228 2.91 1.49 -12.69
N ALA B 229 2.16 0.40 -12.53
CA ALA B 229 1.41 0.14 -11.31
C ALA B 229 1.92 -1.11 -10.60
N THR B 230 1.87 -1.07 -9.27
CA THR B 230 1.97 -2.27 -8.43
C THR B 230 0.63 -2.39 -7.73
N CYS B 231 -0.09 -3.47 -8.00
CA CYS B 231 -1.46 -3.64 -7.49
C CYS B 231 -1.42 -4.68 -6.37
N VAL B 232 -1.93 -4.31 -5.20
CA VAL B 232 -1.81 -5.14 -4.01
C VAL B 232 -3.19 -5.30 -3.39
N ARG B 233 -3.56 -6.55 -3.06
CA ARG B 233 -4.80 -6.80 -2.33
C ARG B 233 -4.55 -6.60 -0.84
N VAL B 234 -5.47 -5.90 -0.19
CA VAL B 234 -5.32 -5.55 1.23
C VAL B 234 -6.60 -5.89 1.96
N PRO B 235 -6.52 -6.06 3.29
CA PRO B 235 -7.69 -6.43 4.11
C PRO B 235 -8.61 -5.25 4.41
N VAL B 236 -9.18 -4.67 3.35
CA VAL B 236 -10.15 -3.58 3.42
C VAL B 236 -11.40 -4.05 2.69
N MET B 237 -12.57 -3.55 3.11
CA MET B 237 -13.83 -4.16 2.64
C MET B 237 -14.16 -3.82 1.19
N ARG B 238 -14.30 -2.51 0.84
CA ARG B 238 -14.78 -2.25 -0.51
C ARG B 238 -14.39 -0.91 -1.13
N ALA B 239 -13.49 -0.13 -0.55
CA ALA B 239 -12.96 1.05 -1.21
C ALA B 239 -11.50 0.80 -1.57
N HIS B 240 -11.08 1.28 -2.74
CA HIS B 240 -9.70 1.14 -3.20
C HIS B 240 -8.93 2.41 -2.89
N SER B 241 -7.63 2.26 -2.64
CA SER B 241 -6.78 3.43 -2.39
C SER B 241 -5.55 3.36 -3.27
N GLU B 242 -5.04 4.53 -3.62
CA GLU B 242 -3.95 4.63 -4.60
C GLU B 242 -2.94 5.68 -4.15
N ALA B 243 -1.67 5.29 -4.07
CA ALA B 243 -0.57 6.23 -3.88
C ALA B 243 -0.01 6.55 -5.25
N ILE B 244 -0.05 7.83 -5.65
CA ILE B 244 0.21 8.22 -7.03
C ILE B 244 1.33 9.24 -7.08
N TRP B 245 2.31 9.02 -7.97
CA TRP B 245 3.30 10.00 -8.38
C TRP B 245 3.09 10.31 -9.85
N VAL B 246 2.84 11.58 -10.19
CA VAL B 246 2.66 11.99 -11.57
C VAL B 246 3.80 12.92 -11.97
N GLU B 247 4.29 12.76 -13.20
CA GLU B 247 5.31 13.64 -13.74
C GLU B 247 4.70 14.38 -14.92
N THR B 248 4.71 15.70 -14.86
CA THR B 248 4.12 16.54 -15.90
C THR B 248 5.24 17.27 -16.65
N GLU B 249 4.84 18.00 -17.69
CA GLU B 249 5.82 18.67 -18.53
C GLU B 249 6.35 19.96 -17.90
N ARG B 250 5.63 20.54 -16.95
CA ARG B 250 6.16 21.62 -16.12
C ARG B 250 5.71 21.40 -14.69
N PRO B 251 6.37 22.02 -13.71
CA PRO B 251 6.05 21.77 -12.30
C PRO B 251 4.69 22.33 -11.92
N ILE B 252 3.90 21.52 -11.21
CA ILE B 252 2.63 21.95 -10.62
C ILE B 252 2.78 22.00 -9.12
N ALA B 253 2.61 23.22 -8.53
CA ALA B 253 2.73 23.32 -7.08
C ALA B 253 1.49 22.75 -6.39
N PRO B 254 1.63 22.23 -5.18
CA PRO B 254 0.45 21.71 -4.48
C PRO B 254 -0.72 22.67 -4.42
N GLU B 255 -0.45 23.98 -4.31
CA GLU B 255 -1.57 24.92 -4.22
C GLU B 255 -2.37 24.97 -5.52
N GLU B 256 -1.69 24.85 -6.66
CA GLU B 256 -2.36 24.85 -7.95
C GLU B 256 -3.15 23.56 -8.13
N ALA B 257 -2.56 22.43 -7.75
CA ALA B 257 -3.25 21.16 -7.82
C ALA B 257 -4.49 21.17 -6.94
N ARG B 258 -4.34 21.66 -5.71
CA ARG B 258 -5.46 21.79 -4.80
C ARG B 258 -6.59 22.59 -5.43
N ALA B 259 -6.26 23.74 -6.03
CA ALA B 259 -7.29 24.55 -6.68
C ALA B 259 -8.01 23.77 -7.78
N ALA B 260 -7.24 23.03 -8.58
CA ALA B 260 -7.83 22.22 -9.65
C ALA B 260 -8.72 21.13 -9.09
N PHE B 261 -8.25 20.43 -8.06
CA PHE B 261 -9.06 19.35 -7.49
C PHE B 261 -10.36 19.88 -6.91
N ALA B 262 -10.31 21.06 -6.27
CA ALA B 262 -11.49 21.61 -5.62
C ALA B 262 -12.58 21.98 -6.62
N LYS B 263 -12.23 22.16 -7.89
CA LYS B 263 -13.22 22.47 -8.91
C LYS B 263 -13.55 21.28 -9.80
N ALA B 264 -12.86 20.15 -9.62
CA ALA B 264 -12.93 19.05 -10.61
C ALA B 264 -14.18 18.22 -10.38
N PRO B 265 -14.95 17.94 -11.43
CA PRO B 265 -16.12 17.07 -11.26
C PRO B 265 -15.69 15.69 -10.79
N GLY B 266 -16.50 15.12 -9.90
CA GLY B 266 -16.25 13.77 -9.41
C GLY B 266 -15.20 13.65 -8.34
N VAL B 267 -14.58 14.75 -7.92
CA VAL B 267 -13.47 14.75 -6.96
C VAL B 267 -13.95 15.42 -5.68
N LEU B 268 -13.51 14.89 -4.54
CA LEU B 268 -13.65 15.58 -3.26
C LEU B 268 -12.26 15.80 -2.70
N LEU B 269 -11.87 17.07 -2.56
CA LEU B 269 -10.58 17.38 -1.94
C LEU B 269 -10.70 17.22 -0.43
N CYS B 270 -9.85 16.39 0.15
CA CYS B 270 -9.83 16.13 1.59
C CYS B 270 -8.35 16.14 1.98
N ASP B 271 -7.81 17.31 2.33
CA ASP B 271 -6.35 17.47 2.44
C ASP B 271 -6.10 18.59 3.46
N GLU B 272 -6.04 18.22 4.73
CA GLU B 272 -5.71 19.16 5.80
C GLU B 272 -4.80 18.43 6.78
N PRO B 273 -3.51 18.39 6.50
CA PRO B 273 -2.59 17.65 7.38
C PRO B 273 -2.71 18.01 8.85
N SER B 274 -2.80 19.32 9.16
CA SER B 274 -2.83 19.73 10.56
C SER B 274 -4.09 19.28 11.28
N GLU B 275 -5.14 18.87 10.55
CA GLU B 275 -6.35 18.31 11.16
C GLU B 275 -6.49 16.81 10.90
N LYS B 276 -5.43 16.16 10.40
CA LYS B 276 -5.46 14.73 10.06
C LYS B 276 -6.60 14.42 9.10
N GLN B 277 -6.84 15.33 8.17
CA GLN B 277 -7.82 15.16 7.10
C GLN B 277 -7.11 14.62 5.86
N TYR B 278 -7.40 13.36 5.51
CA TYR B 278 -6.88 12.77 4.30
C TYR B 278 -7.80 11.61 3.93
N PRO B 279 -7.81 11.21 2.66
CA PRO B 279 -8.70 10.12 2.24
C PRO B 279 -8.34 8.81 2.93
N MET B 280 -9.38 8.07 3.36
CA MET B 280 -9.20 6.75 3.91
C MET B 280 -10.33 5.86 3.41
N PRO B 281 -10.04 4.60 3.08
CA PRO B 281 -11.09 3.72 2.52
C PRO B 281 -12.25 3.50 3.47
N LEU B 282 -12.01 3.43 4.77
CA LEU B 282 -13.12 3.21 5.70
C LEU B 282 -14.16 4.31 5.58
N PHE B 283 -13.73 5.54 5.28
CA PHE B 283 -14.64 6.67 5.19
C PHE B 283 -15.06 7.01 3.77
N GLY B 284 -14.32 6.51 2.77
CA GLY B 284 -14.75 6.68 1.39
C GLY B 284 -15.75 5.65 0.93
N THR B 285 -15.98 4.64 1.77
CA THR B 285 -16.92 3.58 1.47
C THR B 285 -18.33 4.15 1.32
N GLU B 286 -19.03 3.73 0.29
CA GLU B 286 -20.42 4.10 0.06
C GLU B 286 -20.57 5.59 -0.25
N GLN B 287 -19.52 6.21 -0.78
CA GLN B 287 -19.56 7.60 -1.21
C GLN B 287 -19.29 7.68 -2.70
N ASP B 288 -19.74 8.78 -3.32
CA ASP B 288 -19.63 8.95 -4.77
C ASP B 288 -18.27 9.48 -5.24
N PRO B 289 -17.65 10.40 -4.51
CA PRO B 289 -16.46 11.07 -5.04
C PRO B 289 -15.24 10.18 -5.03
N VAL B 290 -14.29 10.54 -5.90
CA VAL B 290 -12.90 10.14 -5.72
C VAL B 290 -12.28 11.14 -4.76
N ILE B 291 -11.87 10.67 -3.59
CA ILE B 291 -11.38 11.53 -2.51
C ILE B 291 -9.85 11.65 -2.59
N VAL B 292 -9.35 12.89 -2.62
CA VAL B 292 -7.95 13.16 -2.95
C VAL B 292 -7.31 13.98 -1.84
N GLY B 293 -6.10 13.59 -1.44
CA GLY B 293 -5.36 14.33 -0.43
C GLY B 293 -3.89 13.97 -0.41
N ARG B 294 -3.24 14.30 0.71
CA ARG B 294 -1.78 14.14 0.84
C ARG B 294 -1.04 14.73 -0.36
N ILE B 295 -1.54 15.85 -0.88
CA ILE B 295 -0.91 16.45 -2.07
C ILE B 295 0.38 17.15 -1.64
N ARG B 296 1.49 16.79 -2.32
CA ARG B 296 2.76 17.45 -2.05
C ARG B 296 3.62 17.42 -3.30
N GLN B 297 4.63 18.31 -3.31
CA GLN B 297 5.65 18.26 -4.34
C GLN B 297 6.42 16.94 -4.25
N ASP B 298 6.89 16.44 -5.41
CA ASP B 298 7.71 15.24 -5.47
C ASP B 298 9.16 15.58 -5.11
N LEU B 299 9.61 15.11 -3.95
CA LEU B 299 10.98 15.37 -3.55
C LEU B 299 11.98 14.81 -4.54
N ALA B 300 11.59 13.81 -5.36
CA ALA B 300 12.50 13.15 -6.28
C ALA B 300 12.47 13.75 -7.68
N ASN B 301 11.52 14.61 -7.98
CA ASN B 301 11.40 15.11 -9.35
C ASN B 301 10.80 16.50 -9.33
N PRO B 302 11.53 17.53 -9.78
CA PRO B 302 10.95 18.88 -9.80
C PRO B 302 9.68 19.00 -10.61
N ASN B 303 9.45 18.08 -11.55
CA ASN B 303 8.24 18.05 -12.38
C ASN B 303 7.22 17.04 -11.86
N GLY B 304 7.37 16.60 -10.61
CA GLY B 304 6.51 15.58 -10.06
C GLY B 304 5.57 16.14 -9.02
N LEU B 305 4.43 15.47 -8.87
CA LEU B 305 3.42 15.75 -7.88
C LEU B 305 3.02 14.42 -7.28
N VAL B 306 2.78 14.41 -5.97
CA VAL B 306 2.45 13.18 -5.24
C VAL B 306 1.11 13.39 -4.54
N PHE B 307 0.28 12.36 -4.54
CA PHE B 307 -0.97 12.45 -3.79
C PHE B 307 -1.50 11.05 -3.52
N TRP B 308 -2.62 11.00 -2.82
CA TRP B 308 -3.25 9.79 -2.34
C TRP B 308 -4.73 9.93 -2.60
N CYS B 309 -5.38 8.87 -3.04
CA CYS B 309 -6.79 9.00 -3.34
C CYS B 309 -7.53 7.71 -3.05
N VAL B 310 -8.84 7.82 -2.86
CA VAL B 310 -9.68 6.72 -2.43
C VAL B 310 -10.98 6.81 -3.18
N SER B 311 -11.53 5.66 -3.56
CA SER B 311 -12.85 5.64 -4.16
C SER B 311 -13.55 4.32 -3.84
N ASP B 312 -14.87 4.35 -3.82
CA ASP B 312 -15.65 3.14 -3.59
C ASP B 312 -15.68 2.33 -4.88
N GLN B 313 -15.17 1.11 -4.82
CA GLN B 313 -15.05 0.28 -6.05
C GLN B 313 -16.42 -0.06 -6.63
N ILE B 314 -17.42 -0.22 -5.78
CA ILE B 314 -18.75 -0.65 -6.30
C ILE B 314 -19.51 0.52 -6.92
N ARG B 315 -19.25 1.71 -6.42
CA ARG B 315 -19.93 2.93 -6.91
C ARG B 315 -19.13 3.52 -8.07
N LYS B 316 -18.28 4.50 -7.83
CA LYS B 316 -17.59 5.13 -8.98
C LYS B 316 -16.75 4.11 -9.78
N GLY B 317 -16.21 3.08 -9.12
CA GLY B 317 -15.42 2.10 -9.85
C GLY B 317 -16.26 1.14 -10.69
N ALA B 318 -17.59 1.24 -10.58
CA ALA B 318 -18.43 0.33 -11.40
C ALA B 318 -19.83 0.89 -11.70
N ALA B 319 -20.80 0.61 -10.84
CA ALA B 319 -22.19 0.99 -11.14
C ALA B 319 -22.39 2.50 -11.34
N LEU B 320 -21.75 3.32 -10.52
CA LEU B 320 -22.00 4.75 -10.65
C LEU B 320 -21.48 5.29 -11.98
N ASN B 321 -20.26 4.88 -12.36
CA ASN B 321 -19.71 5.32 -13.63
C ASN B 321 -20.61 4.92 -14.80
N ALA B 322 -21.10 3.68 -14.79
CA ALA B 322 -21.96 3.22 -15.88
C ALA B 322 -23.25 4.03 -15.96
N VAL B 323 -23.88 4.30 -14.82
CA VAL B 323 -25.09 5.12 -14.83
C VAL B 323 -24.77 6.53 -15.31
N GLN B 324 -23.59 7.06 -14.96
CA GLN B 324 -23.23 8.39 -15.42
C GLN B 324 -23.00 8.43 -16.92
N ILE B 325 -22.47 7.36 -17.52
CA ILE B 325 -22.41 7.27 -18.98
C ILE B 325 -23.81 7.42 -19.57
N ALA B 326 -24.77 6.65 -19.05
CA ALA B 326 -26.15 6.74 -19.55
C ALA B 326 -26.72 8.14 -19.35
N GLU B 327 -26.47 8.75 -18.20
CA GLU B 327 -26.95 10.10 -17.96
C GLU B 327 -26.33 11.08 -18.94
N TYR B 328 -25.03 10.93 -19.22
CA TYR B 328 -24.38 11.82 -20.18
C TYR B 328 -25.03 11.74 -21.55
N LEU B 329 -25.34 10.52 -22.00
CA LEU B 329 -26.00 10.35 -23.30
C LEU B 329 -27.38 10.98 -23.31
N ILE B 330 -28.14 10.81 -22.22
CA ILE B 330 -29.46 11.44 -22.15
C ILE B 330 -29.32 12.96 -22.26
N ALA B 331 -28.35 13.55 -21.56
CA ALA B 331 -28.19 15.00 -21.61
C ALA B 331 -27.85 15.49 -23.02
N LYS B 332 -27.20 14.67 -23.82
CA LYS B 332 -26.91 14.99 -25.21
C LYS B 332 -28.05 14.60 -26.16
N GLY B 333 -29.24 14.30 -25.64
CA GLY B 333 -30.35 13.91 -26.48
C GLY B 333 -30.12 12.67 -27.30
N HIS B 334 -29.15 11.83 -26.88
CA HIS B 334 -28.86 10.60 -27.62
C HIS B 334 -30.09 9.73 -27.80
N PHE B 335 -30.98 9.73 -26.81
CA PHE B 335 -32.24 9.01 -26.91
C PHE B 335 -33.38 10.01 -27.10
P1 A2P C . 10.27 1.36 31.26
O1P A2P C . 9.45 2.56 31.24
O2P A2P C . 11.06 1.26 32.44
O3P A2P C . 9.41 0.17 31.10
P2 A2P C . 8.38 1.40 24.30
O4P A2P C . 7.86 2.33 23.27
O5P A2P C . 7.44 0.92 25.34
O6P A2P C . 8.97 0.24 23.60
O5' A2P C . 9.53 2.15 25.18
C5' A2P C . 10.88 1.69 25.09
C4' A2P C . 11.56 1.65 26.43
O4' A2P C . 11.88 2.97 26.93
C3' A2P C . 10.89 0.95 27.61
O3' A2P C . 11.65 -0.20 27.88
C2' A2P C . 11.01 1.93 28.78
O2' A2P C . 11.31 1.28 30.03
C1' A2P C . 12.18 2.78 28.28
N9 A2P C . 12.35 4.04 28.93
C8 A2P C . 11.49 5.06 28.89
N7 A2P C . 11.88 6.08 29.59
C5 A2P C . 13.10 5.69 30.14
C6 A2P C . 14.02 6.33 30.98
N6 A2P C . 13.86 7.55 31.47
N1 A2P C . 15.14 5.65 31.31
C2 A2P C . 15.29 4.42 30.82
N3 A2P C . 14.49 3.74 30.03
C4 A2P C . 13.39 4.42 29.72
H5'1 A2P C . 10.88 0.78 24.69
H5'2 A2P C . 11.38 2.28 24.47
H4' A2P C . 12.42 1.19 26.29
H3' A2P C . 9.94 0.72 27.42
HO3' A2P C . 11.38 -0.84 27.39
H2' A2P C . 10.19 2.47 28.86
H1' A2P C . 13.01 2.25 28.36
H8 A2P C . 10.67 5.05 28.42
HN61 A2P C . 14.43 7.87 32.06
HN62 A2P C . 13.16 8.03 31.22
H2 A2P C . 16.09 3.98 31.08
P1 A2P D . -26.12 -15.52 -11.14
O1P A2P D . -25.06 -16.47 -11.32
O2P A2P D . -26.39 -15.32 -9.75
O3P A2P D . -27.31 -15.86 -11.89
P2 A2P D . -19.78 -11.07 -9.49
O4P A2P D . -19.41 -10.25 -10.68
O5P A2P D . -20.08 -10.23 -8.28
O6P A2P D . -18.71 -12.03 -9.23
O5' A2P D . -21.16 -11.76 -9.94
C5' A2P D . -21.37 -12.22 -11.30
C4' A2P D . -22.76 -11.92 -11.83
O4' A2P D . -22.86 -12.44 -13.18
C3' A2P D . -23.95 -12.55 -11.08
O3' A2P D . -25.05 -11.66 -10.99
C2' A2P D . -24.32 -13.77 -11.94
O2' A2P D . -25.67 -14.16 -11.85
C1' A2P D . -24.04 -13.20 -13.33
N9 A2P D . -23.89 -14.22 -14.35
C8 A2P D . -22.99 -15.25 -14.37
N7 A2P D . -23.16 -16.04 -15.39
C5 A2P D . -24.21 -15.49 -16.10
C6 A2P D . -24.85 -15.88 -17.29
N6 A2P D . -24.49 -16.93 -18.00
N1 A2P D . -25.87 -15.11 -17.71
C2 A2P D . -26.21 -14.04 -16.99
N3 A2P D . -25.68 -13.60 -15.85
C4 A2P D . -24.68 -14.38 -15.45
H5'1 A2P D . -20.70 -11.79 -11.89
H5'2 A2P D . -21.21 -13.20 -11.34
H4' A2P D . -22.88 -10.95 -11.86
H3' A2P D . -23.67 -12.84 -10.17
HO3' A2P D . -24.75 -10.87 -10.92
H2' A2P D . -23.73 -14.52 -11.74
H1' A2P D . -24.78 -12.60 -13.58
H8 A2P D . -22.34 -15.40 -13.71
HN61 A2P D . -23.90 -16.85 -18.63
HN62 A2P D . -24.86 -17.71 -17.83
H2 A2P D . -26.93 -13.55 -17.32
#